data_4PRL
#
_entry.id   4PRL
#
_cell.length_a   90.714
_cell.length_b   90.714
_cell.length_c   158.183
_cell.angle_alpha   90.000
_cell.angle_beta   90.000
_cell.angle_gamma   120.000
#
_symmetry.space_group_name_H-M   'P 31 2 1'
#
loop_
_entity.id
_entity.type
_entity.pdbx_description
1 polymer '4-phosphoerythronate dehydrogenase'
2 non-polymer NICOTINAMIDE-ADENINE-DINUCLEOTIDE
3 water water
#
_entity_poly.entity_id   1
_entity_poly.type   'polypeptide(L)'
_entity_poly.pdbx_seq_one_letter_code
;MKIAVFSPSESERKLVAATEKKFGCELKLIDESLSAENVDQVADCDGVLLKPLGNLDDEIVYKKLADYGIKSIGLRIVGT
NTIDFDLAKKYHLTVTNVPVYSPRAIAEMAVTQAMYLNRKIGEFKANMDKGDFTNPDSLISNEIYNKTIGLIGVGHIGSA
VAQIFSAMGAKVLAYDVIYNPEVEPYLTYADFDTVLKEADIISLHTPLLKSTENMIGKKQFAEMKNDAILINAARGELVD
TAALIEALEKHEIAAAGLDTLAHESSYFFKKVDDAQIPADYKKLAAMPNVIVTPHSAYFTKTSVRNMIEISLRDTIALAN
GERAHFVVSRHHHHHH
;
_entity_poly.pdbx_strand_id   A,B
#
loop_
_chem_comp.id
_chem_comp.type
_chem_comp.name
_chem_comp.formula
NAD non-polymer NICOTINAMIDE-ADENINE-DINUCLEOTIDE 'C21 H27 N7 O14 P2'
#
# COMPACT_ATOMS: atom_id res chain seq x y z
N MET A 1 26.63 13.89 -31.41
CA MET A 1 26.44 15.33 -31.09
C MET A 1 26.42 15.63 -29.57
N LYS A 2 26.41 16.92 -29.23
CA LYS A 2 26.39 17.38 -27.85
C LYS A 2 25.10 18.16 -27.49
N ILE A 3 24.44 17.72 -26.42
CA ILE A 3 23.20 18.33 -25.88
C ILE A 3 23.46 18.77 -24.42
N ALA A 4 23.23 20.03 -24.10
CA ALA A 4 23.54 20.54 -22.74
C ALA A 4 22.39 20.17 -21.81
N VAL A 5 22.68 19.98 -20.54
CA VAL A 5 21.69 19.62 -19.54
C VAL A 5 21.75 20.53 -18.32
N PHE A 6 20.64 21.12 -17.94
CA PHE A 6 20.62 22.12 -16.90
C PHE A 6 19.95 21.66 -15.64
N SER A 7 20.62 21.87 -14.51
CA SER A 7 20.03 21.55 -13.22
C SER A 7 19.49 20.13 -13.09
N PRO A 8 20.41 19.12 -13.42
CA PRO A 8 19.91 17.77 -13.13
C PRO A 8 19.80 17.38 -11.64
N SER A 9 18.91 16.45 -11.35
CA SER A 9 18.78 15.88 -10.03
C SER A 9 19.95 14.98 -9.80
N GLU A 10 20.26 14.67 -8.55
CA GLU A 10 21.35 13.78 -8.31
C GLU A 10 21.06 12.37 -8.84
N SER A 11 19.80 12.04 -9.04
CA SER A 11 19.43 10.77 -9.64
C SER A 11 19.43 10.87 -11.17
N GLU A 12 19.20 12.07 -11.69
CA GLU A 12 19.42 12.31 -13.11
C GLU A 12 20.89 12.09 -13.47
N ARG A 13 21.79 12.55 -12.58
CA ARG A 13 23.24 12.37 -12.76
C ARG A 13 23.62 10.92 -12.92
N LYS A 14 23.02 10.08 -12.07
CA LYS A 14 23.28 8.65 -12.09
C LYS A 14 23.04 7.98 -13.43
N LEU A 15 22.11 8.47 -14.24
CA LEU A 15 21.81 7.84 -15.53
C LEU A 15 22.66 8.31 -16.68
N VAL A 16 23.39 9.40 -16.48
CA VAL A 16 23.99 10.14 -17.59
C VAL A 16 24.80 9.29 -18.56
N ALA A 17 25.75 8.56 -18.00
CA ALA A 17 26.67 7.78 -18.81
C ALA A 17 25.89 6.78 -19.64
N ALA A 18 24.94 6.11 -19.00
CA ALA A 18 24.10 5.11 -19.65
C ALA A 18 23.35 5.72 -20.83
N THR A 19 22.92 6.97 -20.64
CA THR A 19 22.15 7.67 -21.63
C THR A 19 23.04 7.98 -22.84
N GLU A 20 24.24 8.49 -22.55
CA GLU A 20 25.21 8.81 -23.58
C GLU A 20 25.44 7.58 -24.46
N LYS A 21 25.75 6.42 -23.88
CA LYS A 21 25.94 5.19 -24.67
C LYS A 21 24.70 4.80 -25.47
N LYS A 22 23.53 4.78 -24.82
CA LYS A 22 22.27 4.40 -25.47
C LYS A 22 21.88 5.33 -26.61
N PHE A 23 22.15 6.62 -26.47
CA PHE A 23 21.88 7.52 -27.58
C PHE A 23 23.08 7.74 -28.46
N GLY A 24 24.27 7.57 -27.91
CA GLY A 24 25.49 7.82 -28.68
C GLY A 24 25.65 9.31 -28.94
N CYS A 25 25.43 10.11 -27.88
CA CYS A 25 25.66 11.55 -27.89
C CYS A 25 26.34 11.94 -26.59
N GLU A 26 26.81 13.18 -26.49
CA GLU A 26 27.41 13.68 -25.25
C GLU A 26 26.37 14.48 -24.51
N LEU A 27 26.57 14.62 -23.20
CA LEU A 27 25.68 15.43 -22.36
C LEU A 27 26.49 16.37 -21.48
N LYS A 28 26.59 17.61 -21.92
CA LYS A 28 27.33 18.63 -21.19
C LYS A 28 26.49 19.03 -20.00
N LEU A 29 26.90 18.57 -18.80
CA LEU A 29 26.11 18.75 -17.58
C LEU A 29 26.41 20.02 -16.82
N ILE A 30 25.41 20.88 -16.68
CA ILE A 30 25.53 22.11 -15.92
C ILE A 30 24.60 22.09 -14.71
N ASP A 31 25.13 22.31 -13.52
CA ASP A 31 24.33 22.19 -12.29
C ASP A 31 23.19 23.18 -12.16
N GLU A 32 23.44 24.42 -12.53
CA GLU A 32 22.44 25.44 -12.34
C GLU A 32 21.61 25.66 -13.58
N SER A 33 20.43 26.22 -13.37
CA SER A 33 19.49 26.47 -14.44
C SER A 33 19.99 27.52 -15.41
N LEU A 34 19.50 27.42 -16.64
CA LEU A 34 19.97 28.21 -17.74
C LEU A 34 19.75 29.67 -17.39
N SER A 35 20.70 30.51 -17.75
CA SER A 35 20.60 31.93 -17.49
C SER A 35 21.58 32.67 -18.36
N ALA A 36 21.50 33.99 -18.34
CA ALA A 36 22.44 34.80 -19.09
C ALA A 36 23.82 34.52 -18.55
N GLU A 37 23.85 34.13 -17.28
CA GLU A 37 25.07 33.79 -16.58
C GLU A 37 25.78 32.57 -17.15
N ASN A 38 25.03 31.54 -17.50
CA ASN A 38 25.63 30.34 -18.08
C ASN A 38 25.27 29.97 -19.51
N VAL A 39 24.60 30.87 -20.21
CA VAL A 39 24.07 30.56 -21.53
C VAL A 39 25.15 30.22 -22.55
N ASP A 40 26.32 30.80 -22.38
CA ASP A 40 27.45 30.64 -23.29
C ASP A 40 28.12 29.28 -23.27
N GLN A 41 27.80 28.46 -22.28
CA GLN A 41 28.32 27.10 -22.20
C GLN A 41 27.74 26.20 -23.31
N VAL A 42 26.75 26.71 -24.01
CA VAL A 42 26.00 25.98 -25.05
C VAL A 42 26.70 26.12 -26.39
N ALA A 43 27.60 27.08 -26.50
CA ALA A 43 28.31 27.38 -27.74
C ALA A 43 28.60 26.12 -28.57
N ASP A 44 29.15 25.11 -27.90
CA ASP A 44 29.58 23.86 -28.55
C ASP A 44 28.51 22.75 -28.49
N CYS A 45 27.24 23.15 -28.45
CA CYS A 45 26.12 22.21 -28.25
C CYS A 45 25.20 22.28 -29.45
N ASP A 46 24.43 21.20 -29.65
CA ASP A 46 23.48 21.07 -30.77
C ASP A 46 22.03 21.44 -30.35
N GLY A 47 21.62 20.93 -29.21
CA GLY A 47 20.28 21.18 -28.66
C GLY A 47 20.39 21.32 -27.16
N VAL A 48 19.28 21.61 -26.50
CA VAL A 48 19.36 21.95 -25.07
C VAL A 48 18.19 21.31 -24.30
N LEU A 49 18.47 20.98 -23.03
CA LEU A 49 17.56 20.21 -22.14
C LEU A 49 17.38 20.91 -20.78
N LEU A 50 16.13 21.29 -20.49
CA LEU A 50 15.77 22.31 -19.51
C LEU A 50 14.88 21.87 -18.34
N LYS A 51 15.29 22.29 -17.15
CA LYS A 51 14.52 22.17 -15.93
C LYS A 51 14.62 23.51 -15.24
N PRO A 52 13.73 24.43 -15.59
CA PRO A 52 13.81 25.79 -15.07
C PRO A 52 13.31 25.86 -13.65
N LEU A 53 14.13 26.41 -12.77
CA LEU A 53 13.68 26.71 -11.44
C LEU A 53 12.60 27.79 -11.50
N GLY A 54 12.83 28.77 -12.37
CA GLY A 54 12.12 30.03 -12.35
C GLY A 54 11.83 30.58 -13.72
N ASN A 55 11.15 31.71 -13.80
CA ASN A 55 10.85 32.29 -15.09
C ASN A 55 12.11 32.65 -15.87
N LEU A 56 12.11 32.35 -17.15
CA LEU A 56 13.21 32.70 -18.03
C LEU A 56 13.00 34.10 -18.56
N ASP A 57 13.19 35.08 -17.69
CA ASP A 57 12.90 36.48 -17.97
C ASP A 57 13.72 37.16 -19.08
N ASP A 58 15.03 36.94 -19.09
CA ASP A 58 15.93 37.66 -19.98
C ASP A 58 15.69 37.31 -21.43
N GLU A 59 15.87 38.27 -22.34
CA GLU A 59 15.76 37.98 -23.77
C GLU A 59 17.10 37.60 -24.41
N ILE A 60 18.20 38.14 -23.86
CA ILE A 60 19.55 37.97 -24.49
C ILE A 60 20.01 36.48 -24.52
N VAL A 61 19.31 35.65 -23.77
CA VAL A 61 19.50 34.20 -23.75
C VAL A 61 18.85 33.56 -24.98
N TYR A 62 17.62 33.99 -25.30
CA TYR A 62 16.89 33.47 -26.46
C TYR A 62 17.57 33.85 -27.78
N LYS A 63 18.12 35.06 -27.86
CA LYS A 63 18.90 35.46 -29.03
C LYS A 63 20.11 34.54 -29.15
N LYS A 64 20.90 34.46 -28.08
CA LYS A 64 22.16 33.72 -28.10
C LYS A 64 22.01 32.22 -28.37
N LEU A 65 20.87 31.64 -27.99
CA LEU A 65 20.53 30.27 -28.40
C LEU A 65 20.48 30.15 -29.92
N ALA A 66 19.66 31.00 -30.52
CA ALA A 66 19.48 31.03 -31.97
C ALA A 66 20.73 31.49 -32.73
N ASP A 67 21.60 32.30 -32.11
CA ASP A 67 22.94 32.58 -32.68
C ASP A 67 23.86 31.35 -32.63
N TYR A 68 23.64 30.45 -31.66
CA TYR A 68 24.40 29.19 -31.56
C TYR A 68 23.76 28.05 -32.34
N GLY A 69 22.71 28.34 -33.08
CA GLY A 69 22.03 27.34 -33.91
C GLY A 69 21.09 26.45 -33.14
N ILE A 70 20.69 26.86 -31.92
CA ILE A 70 19.76 26.07 -31.10
C ILE A 70 18.35 26.28 -31.64
N LYS A 71 17.80 25.21 -32.24
CA LYS A 71 16.51 25.27 -32.94
C LYS A 71 15.30 24.87 -32.08
N SER A 72 15.54 24.45 -30.84
CA SER A 72 14.45 24.03 -29.96
C SER A 72 14.87 24.03 -28.50
N ILE A 73 13.89 24.14 -27.61
CA ILE A 73 14.11 24.05 -26.16
C ILE A 73 13.34 22.86 -25.57
N GLY A 74 14.08 21.91 -25.02
CA GLY A 74 13.54 20.66 -24.54
C GLY A 74 13.31 20.63 -23.04
N LEU A 75 12.10 20.98 -22.64
CA LEU A 75 11.66 20.79 -21.27
C LEU A 75 11.71 19.31 -20.90
N ARG A 76 12.42 18.99 -19.82
CA ARG A 76 12.47 17.61 -19.31
C ARG A 76 11.19 17.31 -18.54
N ILE A 77 10.55 18.39 -18.09
CA ILE A 77 9.33 18.34 -17.29
C ILE A 77 8.08 18.66 -18.12
N VAL A 78 6.95 18.70 -17.42
CA VAL A 78 5.64 18.96 -18.00
C VAL A 78 5.23 20.43 -17.91
N GLY A 79 5.68 21.15 -16.89
CA GLY A 79 5.35 22.57 -16.75
C GLY A 79 5.84 23.42 -17.93
N THR A 80 5.21 24.56 -18.14
CA THR A 80 5.65 25.53 -19.17
C THR A 80 5.68 26.98 -18.67
N ASN A 81 5.26 27.18 -17.42
CA ASN A 81 4.95 28.52 -16.92
C ASN A 81 6.12 29.50 -16.81
N THR A 82 7.32 29.07 -17.21
CA THR A 82 8.46 29.99 -17.28
C THR A 82 8.95 30.24 -18.70
N ILE A 83 8.35 29.55 -19.68
CA ILE A 83 8.70 29.81 -21.08
C ILE A 83 7.86 30.97 -21.61
N ASP A 84 8.58 32.02 -22.02
CA ASP A 84 8.01 33.14 -22.71
C ASP A 84 7.91 32.76 -24.20
N PHE A 85 6.79 32.12 -24.56
CA PHE A 85 6.54 31.57 -25.91
C PHE A 85 6.55 32.63 -27.01
N ASP A 86 6.26 33.86 -26.62
CA ASP A 86 6.35 35.05 -27.47
C ASP A 86 7.78 35.23 -28.03
N LEU A 87 8.75 35.24 -27.11
CA LEU A 87 10.18 35.28 -27.45
C LEU A 87 10.64 34.01 -28.17
N ALA A 88 10.05 32.88 -27.84
CA ALA A 88 10.42 31.66 -28.50
C ALA A 88 10.13 31.79 -29.98
N LYS A 89 8.98 32.39 -30.29
CA LYS A 89 8.52 32.53 -31.67
C LYS A 89 9.41 33.38 -32.54
N LYS A 90 9.89 34.49 -32.01
CA LYS A 90 10.72 35.38 -32.80
C LYS A 90 12.01 34.68 -33.20
N TYR A 91 12.53 33.88 -32.28
CA TYR A 91 13.82 33.25 -32.47
C TYR A 91 13.68 31.87 -33.06
N HIS A 92 12.45 31.54 -33.45
CA HIS A 92 12.19 30.30 -34.14
C HIS A 92 12.61 29.14 -33.31
N LEU A 93 12.42 29.25 -32.01
CA LEU A 93 12.70 28.14 -31.16
C LEU A 93 11.39 27.42 -31.02
N THR A 94 11.28 26.27 -31.65
CA THR A 94 10.14 25.37 -31.40
C THR A 94 10.32 24.91 -29.93
N VAL A 95 9.22 24.57 -29.24
CA VAL A 95 9.29 24.25 -27.80
C VAL A 95 8.60 22.92 -27.47
N THR A 96 9.40 21.94 -27.05
CA THR A 96 8.87 20.63 -26.70
C THR A 96 8.72 20.53 -25.20
N ASN A 97 8.07 19.46 -24.74
CA ASN A 97 7.98 19.12 -23.33
C ASN A 97 7.84 17.62 -23.12
N VAL A 98 7.78 17.21 -21.86
CA VAL A 98 7.36 15.84 -21.47
C VAL A 98 6.07 15.89 -20.64
N PRO A 99 4.93 15.55 -21.26
CA PRO A 99 3.70 15.42 -20.50
C PRO A 99 3.48 14.02 -19.89
N VAL A 100 4.03 12.97 -20.51
CA VAL A 100 3.76 11.57 -20.11
C VAL A 100 5.08 10.84 -19.88
N TYR A 101 5.60 10.90 -18.67
CA TYR A 101 6.79 10.16 -18.34
C TYR A 101 6.52 8.82 -17.68
N SER A 102 5.63 8.76 -16.69
CA SER A 102 5.20 7.48 -16.18
C SER A 102 3.86 7.55 -15.48
N PRO A 103 2.74 7.29 -16.28
CA PRO A 103 1.47 7.41 -15.55
C PRO A 103 1.35 6.46 -14.37
N ARG A 104 1.84 5.24 -14.54
CA ARG A 104 1.82 4.21 -13.50
C ARG A 104 2.66 4.53 -12.28
N ALA A 105 3.67 5.36 -12.42
CA ALA A 105 4.41 5.82 -11.22
C ALA A 105 3.43 6.41 -10.24
N ILE A 106 2.65 7.34 -10.74
CA ILE A 106 1.75 8.09 -9.92
C ILE A 106 0.52 7.28 -9.55
N ALA A 107 -0.01 6.52 -10.48
CA ALA A 107 -1.14 5.69 -10.17
C ALA A 107 -0.82 4.79 -8.99
N GLU A 108 0.41 4.27 -8.99
CA GLU A 108 0.82 3.32 -7.96
C GLU A 108 1.04 3.96 -6.63
N MET A 109 1.51 5.21 -6.60
CA MET A 109 1.53 5.96 -5.34
C MET A 109 0.08 6.07 -4.81
N ALA A 110 -0.85 6.43 -5.68
CA ALA A 110 -2.20 6.64 -5.25
C ALA A 110 -2.77 5.33 -4.74
N VAL A 111 -2.60 4.22 -5.47
CA VAL A 111 -3.06 2.91 -4.97
C VAL A 111 -2.40 2.55 -3.63
N THR A 112 -1.08 2.67 -3.56
CA THR A 112 -0.31 2.34 -2.36
C THR A 112 -0.83 3.05 -1.13
N GLN A 113 -0.96 4.39 -1.20
CA GLN A 113 -1.50 5.16 -0.08
C GLN A 113 -2.95 4.74 0.28
N ALA A 114 -3.80 4.53 -0.73
CA ALA A 114 -5.15 4.01 -0.46
C ALA A 114 -5.19 2.67 0.32
N MET A 115 -4.32 1.75 -0.04
CA MET A 115 -4.34 0.47 0.62
C MET A 115 -3.82 0.57 2.04
N TYR A 116 -2.75 1.33 2.24
CA TYR A 116 -2.21 1.52 3.59
C TYR A 116 -3.25 2.10 4.52
N LEU A 117 -3.94 3.14 4.06
CA LEU A 117 -4.90 3.82 4.90
C LEU A 117 -6.14 2.96 5.13
N ASN A 118 -6.54 2.20 4.09
CA ASN A 118 -7.62 1.20 4.21
C ASN A 118 -7.28 0.14 5.21
N ARG A 119 -6.05 -0.36 5.20
CA ARG A 119 -5.63 -1.31 6.20
C ARG A 119 -5.39 -0.60 7.56
N LYS A 120 -5.45 0.73 7.55
CA LYS A 120 -5.34 1.52 8.77
C LYS A 120 -4.06 1.24 9.52
N ILE A 121 -2.99 1.02 8.77
CA ILE A 121 -1.72 0.63 9.36
C ILE A 121 -1.14 1.67 10.32
N GLY A 122 -1.35 2.96 10.01
CA GLY A 122 -0.86 4.04 10.86
C GLY A 122 -1.67 4.23 12.12
N GLU A 123 -2.96 3.89 12.08
CA GLU A 123 -3.80 3.96 13.27
C GLU A 123 -3.42 2.82 14.20
N PHE A 124 -3.17 1.63 13.64
CA PHE A 124 -2.57 0.56 14.43
C PHE A 124 -1.26 0.97 15.07
N LYS A 125 -0.41 1.65 14.32
CA LYS A 125 0.89 2.03 14.89
C LYS A 125 0.69 3.04 16.02
N ALA A 126 -0.21 4.00 15.81
CA ALA A 126 -0.53 4.99 16.83
C ALA A 126 -0.97 4.31 18.13
N ASN A 127 -1.77 3.26 18.01
CA ASN A 127 -2.13 2.44 19.15
C ASN A 127 -0.96 1.70 19.81
N MET A 128 -0.19 0.99 18.99
CA MET A 128 0.94 0.22 19.50
C MET A 128 1.89 1.09 20.29
N ASP A 129 2.09 2.33 19.83
CA ASP A 129 2.91 3.29 20.57
C ASP A 129 2.37 3.48 22.00
N LYS A 130 1.06 3.61 22.14
CA LYS A 130 0.45 3.78 23.46
C LYS A 130 0.23 2.45 24.18
N GLY A 131 0.90 1.38 23.77
CA GLY A 131 0.78 0.07 24.44
C GLY A 131 -0.37 -0.84 24.02
N ASP A 132 -1.17 -0.41 23.06
CA ASP A 132 -2.36 -1.17 22.65
C ASP A 132 -2.08 -2.02 21.42
N PHE A 133 -2.05 -3.34 21.60
CA PHE A 133 -1.79 -4.30 20.49
C PHE A 133 -3.00 -5.17 20.13
N THR A 134 -4.20 -4.68 20.45
CA THR A 134 -5.42 -5.38 20.17
C THR A 134 -5.93 -5.13 18.74
N ASN A 135 -7.07 -5.72 18.43
CA ASN A 135 -7.77 -5.55 17.18
C ASN A 135 -9.18 -5.01 17.45
N PRO A 136 -9.27 -3.75 17.88
CA PRO A 136 -10.58 -3.20 18.12
C PRO A 136 -11.34 -3.06 16.81
N ASP A 137 -12.67 -3.00 16.89
CA ASP A 137 -13.51 -2.97 15.69
C ASP A 137 -13.40 -1.66 14.92
N SER A 138 -12.90 -0.63 15.60
CA SER A 138 -12.72 0.65 14.98
C SER A 138 -11.56 0.63 14.00
N LEU A 139 -10.77 -0.45 14.02
CA LEU A 139 -9.68 -0.64 13.04
C LEU A 139 -9.88 -1.84 12.14
N ILE A 140 -11.12 -2.29 12.01
CA ILE A 140 -11.38 -3.43 11.14
C ILE A 140 -11.28 -2.93 9.71
N SER A 141 -10.80 -3.76 8.79
CA SER A 141 -10.63 -3.33 7.42
C SER A 141 -11.55 -4.11 6.48
N ASN A 142 -11.20 -4.10 5.21
CA ASN A 142 -11.96 -4.83 4.21
C ASN A 142 -11.12 -5.13 2.96
N GLU A 143 -11.54 -6.15 2.24
CA GLU A 143 -10.91 -6.54 1.03
C GLU A 143 -11.21 -5.48 0.02
N ILE A 144 -10.22 -5.18 -0.80
CA ILE A 144 -10.36 -4.21 -1.87
C ILE A 144 -11.47 -4.55 -2.83
N TYR A 145 -11.68 -5.82 -3.17
CA TYR A 145 -12.77 -6.20 -4.08
C TYR A 145 -14.16 -5.97 -3.46
N ASN A 146 -14.28 -5.54 -2.21
CA ASN A 146 -15.58 -5.08 -1.67
C ASN A 146 -15.77 -3.57 -1.67
N LYS A 147 -14.77 -2.82 -2.12
CA LYS A 147 -14.84 -1.37 -2.11
C LYS A 147 -15.23 -0.81 -3.47
N THR A 148 -15.78 0.40 -3.46
CA THR A 148 -15.98 1.16 -4.67
C THR A 148 -14.97 2.31 -4.75
N ILE A 149 -14.36 2.47 -5.92
CA ILE A 149 -13.40 3.53 -6.17
C ILE A 149 -14.11 4.57 -7.00
N GLY A 150 -13.84 5.82 -6.66
CA GLY A 150 -14.42 6.95 -7.40
C GLY A 150 -13.29 7.84 -7.84
N LEU A 151 -13.24 8.09 -9.13
CA LEU A 151 -12.20 8.92 -9.70
C LEU A 151 -12.83 10.20 -10.22
N ILE A 152 -12.29 11.33 -9.81
CA ILE A 152 -12.67 12.61 -10.36
C ILE A 152 -11.64 12.99 -11.39
N GLY A 153 -12.01 12.82 -12.65
CA GLY A 153 -11.09 12.96 -13.76
C GLY A 153 -10.48 11.60 -13.99
N VAL A 154 -10.06 11.34 -15.21
CA VAL A 154 -9.37 10.11 -15.50
C VAL A 154 -7.99 10.41 -16.01
N GLY A 155 -7.85 10.55 -17.31
CA GLY A 155 -6.58 10.89 -17.90
C GLY A 155 -5.69 9.69 -17.95
N HIS A 156 -4.42 9.90 -18.24
CA HIS A 156 -3.46 8.81 -18.30
C HIS A 156 -3.27 8.12 -16.96
N ILE A 157 -3.14 8.92 -15.91
CA ILE A 157 -2.97 8.45 -14.55
C ILE A 157 -4.19 7.79 -13.93
N GLY A 158 -5.34 8.41 -14.13
CA GLY A 158 -6.60 7.90 -13.63
C GLY A 158 -6.96 6.59 -14.27
N SER A 159 -6.66 6.50 -15.54
CA SER A 159 -6.89 5.31 -16.32
C SER A 159 -6.07 4.19 -15.73
N ALA A 160 -4.86 4.50 -15.31
CA ALA A 160 -3.99 3.52 -14.69
C ALA A 160 -4.48 3.12 -13.30
N VAL A 161 -5.07 4.06 -12.56
CA VAL A 161 -5.58 3.72 -11.23
C VAL A 161 -6.76 2.75 -11.35
N ALA A 162 -7.54 2.95 -12.40
CA ALA A 162 -8.73 2.18 -12.68
C ALA A 162 -8.36 0.78 -13.09
N GLN A 163 -7.31 0.66 -13.88
CA GLN A 163 -6.84 -0.64 -14.34
C GLN A 163 -6.47 -1.46 -13.10
N ILE A 164 -5.67 -0.89 -12.23
CA ILE A 164 -5.11 -1.65 -11.11
C ILE A 164 -6.17 -2.04 -10.12
N PHE A 165 -6.99 -1.08 -9.74
CA PHE A 165 -8.05 -1.34 -8.80
C PHE A 165 -9.02 -2.36 -9.38
N SER A 166 -9.45 -2.20 -10.64
CA SER A 166 -10.40 -3.17 -11.20
C SER A 166 -9.75 -4.52 -11.37
N ALA A 167 -8.43 -4.56 -11.54
CA ALA A 167 -7.68 -5.82 -11.58
C ALA A 167 -7.61 -6.51 -10.24
N MET A 168 -7.74 -5.74 -9.15
CA MET A 168 -7.89 -6.34 -7.81
C MET A 168 -9.36 -6.66 -7.43
N GLY A 169 -10.30 -6.38 -8.33
CA GLY A 169 -11.70 -6.74 -8.12
C GLY A 169 -12.65 -5.65 -7.63
N ALA A 170 -12.15 -4.42 -7.49
CA ALA A 170 -12.96 -3.32 -6.99
C ALA A 170 -13.89 -2.80 -8.09
N LYS A 171 -15.02 -2.22 -7.71
CA LYS A 171 -15.86 -1.47 -8.66
C LYS A 171 -15.22 -0.09 -8.82
N VAL A 172 -14.92 0.31 -10.04
CA VAL A 172 -14.37 1.63 -10.23
C VAL A 172 -15.37 2.52 -10.94
N LEU A 173 -15.69 3.66 -10.35
CA LEU A 173 -16.54 4.66 -11.00
C LEU A 173 -15.68 5.86 -11.30
N ALA A 174 -15.97 6.56 -12.38
CA ALA A 174 -15.21 7.76 -12.73
C ALA A 174 -16.09 8.85 -13.30
N TYR A 175 -15.81 10.09 -12.88
CA TYR A 175 -16.41 11.25 -13.49
C TYR A 175 -15.37 11.90 -14.36
N ASP A 176 -15.77 12.25 -15.57
CA ASP A 176 -14.93 13.01 -16.50
C ASP A 176 -15.81 13.82 -17.45
N VAL A 177 -15.27 14.88 -18.04
CA VAL A 177 -16.03 15.66 -19.00
C VAL A 177 -15.75 15.23 -20.44
N ILE A 178 -14.89 14.24 -20.63
CA ILE A 178 -14.58 13.67 -21.95
C ILE A 178 -14.72 12.14 -21.90
N TYR A 179 -15.28 11.59 -22.96
CA TYR A 179 -15.57 10.15 -23.06
C TYR A 179 -14.36 9.49 -23.72
N ASN A 180 -13.89 8.37 -23.16
CA ASN A 180 -12.87 7.55 -23.79
C ASN A 180 -13.23 6.07 -23.72
N PRO A 181 -13.58 5.48 -24.87
CA PRO A 181 -14.01 4.09 -24.90
C PRO A 181 -13.01 3.14 -24.29
N GLU A 182 -11.73 3.41 -24.51
CA GLU A 182 -10.59 2.67 -23.95
C GLU A 182 -10.68 2.24 -22.48
N VAL A 183 -11.23 3.10 -21.64
CA VAL A 183 -11.23 2.85 -20.20
C VAL A 183 -12.46 2.09 -19.66
N GLU A 184 -13.42 1.82 -20.53
CA GLU A 184 -14.66 1.18 -20.10
C GLU A 184 -14.57 -0.26 -19.61
N PRO A 185 -13.50 -0.98 -19.94
CA PRO A 185 -13.33 -2.28 -19.35
C PRO A 185 -12.98 -2.23 -17.87
N TYR A 186 -12.60 -1.05 -17.40
CA TYR A 186 -11.99 -0.90 -16.09
C TYR A 186 -12.85 -0.10 -15.14
N LEU A 187 -13.74 0.72 -15.69
CA LEU A 187 -14.58 1.58 -14.87
C LEU A 187 -15.90 1.81 -15.55
N THR A 188 -16.78 2.49 -14.81
CA THR A 188 -18.05 2.91 -15.31
C THR A 188 -18.19 4.38 -15.02
N TYR A 189 -18.54 5.12 -16.07
CA TYR A 189 -18.78 6.55 -15.95
C TYR A 189 -20.02 6.87 -15.10
N ALA A 190 -19.94 7.95 -14.33
CA ALA A 190 -21.04 8.40 -13.51
C ALA A 190 -20.98 9.89 -13.31
N ASP A 191 -22.04 10.44 -12.72
CA ASP A 191 -22.05 11.85 -12.37
C ASP A 191 -21.13 12.12 -11.21
N PHE A 192 -20.63 13.35 -11.19
CA PHE A 192 -19.81 13.84 -10.13
C PHE A 192 -20.41 13.52 -8.79
N ASP A 193 -21.66 13.85 -8.59
CA ASP A 193 -22.25 13.67 -7.25
C ASP A 193 -22.38 12.19 -6.89
N THR A 194 -22.79 11.33 -7.83
CA THR A 194 -22.91 9.91 -7.50
C THR A 194 -21.53 9.28 -7.16
N VAL A 195 -20.48 9.72 -7.85
CA VAL A 195 -19.14 9.29 -7.49
C VAL A 195 -18.81 9.61 -6.01
N LEU A 196 -19.06 10.85 -5.58
CA LEU A 196 -18.80 11.28 -4.18
C LEU A 196 -19.63 10.52 -3.15
N LYS A 197 -20.90 10.32 -3.47
CA LYS A 197 -21.82 9.61 -2.59
C LYS A 197 -21.39 8.15 -2.40
N GLU A 198 -21.07 7.49 -3.52
CA GLU A 198 -20.97 6.03 -3.55
C GLU A 198 -19.57 5.47 -3.36
N ALA A 199 -18.53 6.30 -3.43
CA ALA A 199 -17.16 5.80 -3.41
C ALA A 199 -16.60 5.65 -2.01
N ASP A 200 -15.96 4.51 -1.76
CA ASP A 200 -15.28 4.31 -0.53
C ASP A 200 -13.91 4.97 -0.60
N ILE A 201 -13.23 4.82 -1.74
CA ILE A 201 -11.95 5.48 -1.97
C ILE A 201 -12.10 6.46 -3.12
N ILE A 202 -11.66 7.70 -2.91
CA ILE A 202 -11.79 8.73 -3.93
C ILE A 202 -10.43 9.25 -4.30
N SER A 203 -10.12 9.19 -5.60
CA SER A 203 -8.85 9.68 -6.07
C SER A 203 -9.03 10.71 -7.18
N LEU A 204 -8.37 11.86 -7.00
CA LEU A 204 -8.47 13.04 -7.89
C LEU A 204 -7.45 13.01 -9.00
N HIS A 205 -7.90 13.28 -10.22
CA HIS A 205 -7.03 13.25 -11.40
C HIS A 205 -7.44 14.32 -12.43
N THR A 206 -7.76 15.48 -11.86
CA THR A 206 -8.35 16.61 -12.54
C THR A 206 -7.29 17.70 -12.61
N PRO A 207 -7.13 18.30 -13.80
CA PRO A 207 -6.13 19.33 -13.88
C PRO A 207 -6.58 20.52 -13.06
N LEU A 208 -5.62 21.27 -12.52
CA LEU A 208 -5.91 22.49 -11.79
C LEU A 208 -6.17 23.56 -12.82
N LEU A 209 -7.42 23.97 -12.91
CA LEU A 209 -7.85 25.10 -13.73
C LEU A 209 -8.39 26.16 -12.79
N LYS A 210 -8.82 27.31 -13.31
CA LYS A 210 -9.51 28.28 -12.47
C LYS A 210 -10.86 27.70 -11.98
N SER A 211 -11.49 26.88 -12.82
CA SER A 211 -12.79 26.31 -12.48
C SER A 211 -12.71 25.08 -11.58
N THR A 212 -11.51 24.51 -11.32
CA THR A 212 -11.35 23.34 -10.40
C THR A 212 -10.64 23.66 -9.07
N GLU A 213 -10.20 24.90 -8.89
CA GLU A 213 -9.55 25.28 -7.63
C GLU A 213 -10.55 25.06 -6.48
N ASN A 214 -10.10 24.45 -5.39
CA ASN A 214 -10.98 23.99 -4.28
C ASN A 214 -12.23 23.24 -4.76
N MET A 215 -12.07 22.42 -5.77
CA MET A 215 -13.15 21.58 -6.27
C MET A 215 -13.67 20.68 -5.15
N ILE A 216 -12.79 20.22 -4.27
CA ILE A 216 -13.22 19.48 -3.08
C ILE A 216 -13.10 20.39 -1.85
N GLY A 217 -14.27 20.86 -1.39
CA GLY A 217 -14.36 21.67 -0.18
C GLY A 217 -15.35 21.13 0.81
N LYS A 218 -15.82 22.00 1.70
CA LYS A 218 -16.75 21.63 2.77
C LYS A 218 -17.99 20.88 2.26
N LYS A 219 -18.60 21.42 1.22
CA LYS A 219 -19.80 20.82 0.65
C LYS A 219 -19.57 19.36 0.27
N GLN A 220 -18.42 19.10 -0.35
CA GLN A 220 -18.11 17.80 -0.95
C GLN A 220 -17.68 16.73 0.06
N PHE A 221 -16.93 17.13 1.08
CA PHE A 221 -16.66 16.24 2.21
C PHE A 221 -17.98 15.87 2.87
N ALA A 222 -18.84 16.86 3.04
CA ALA A 222 -20.21 16.58 3.55
C ALA A 222 -20.91 15.47 2.78
N GLU A 223 -20.69 15.42 1.47
CA GLU A 223 -21.39 14.48 0.59
C GLU A 223 -20.75 13.10 0.59
N MET A 224 -19.49 13.00 1.00
CA MET A 224 -18.77 11.71 0.97
C MET A 224 -19.27 10.77 2.04
N LYS A 225 -18.92 9.50 1.91
CA LYS A 225 -19.18 8.55 2.99
C LYS A 225 -18.31 8.94 4.18
N ASN A 226 -18.73 8.59 5.39
CA ASN A 226 -17.94 9.00 6.54
C ASN A 226 -16.78 8.02 6.82
N ASP A 227 -16.74 6.86 6.16
CA ASP A 227 -15.54 5.99 6.20
C ASP A 227 -14.73 6.05 4.89
N ALA A 228 -14.97 7.10 4.11
CA ALA A 228 -14.27 7.33 2.85
C ALA A 228 -12.83 7.71 3.03
N ILE A 229 -12.01 7.33 2.04
CA ILE A 229 -10.59 7.67 1.98
C ILE A 229 -10.42 8.58 0.76
N LEU A 230 -9.84 9.76 0.98
CA LEU A 230 -9.59 10.71 -0.09
C LEU A 230 -8.11 10.72 -0.46
N ILE A 231 -7.82 10.44 -1.73
CA ILE A 231 -6.47 10.42 -2.23
C ILE A 231 -6.26 11.55 -3.22
N ASN A 232 -5.22 12.35 -3.01
CA ASN A 232 -4.91 13.46 -3.93
C ASN A 232 -3.46 13.39 -4.29
N ALA A 233 -3.22 12.75 -5.42
CA ALA A 233 -1.89 12.78 -6.02
C ALA A 233 -1.99 13.58 -7.30
N ALA A 234 -2.83 14.61 -7.30
CA ALA A 234 -2.94 15.48 -8.46
C ALA A 234 -2.32 16.86 -8.23
N ARG A 235 -3.10 17.78 -7.67
CA ARG A 235 -2.65 19.12 -7.42
C ARG A 235 -3.30 19.57 -6.14
N GLY A 236 -2.49 20.08 -5.21
CA GLY A 236 -2.97 20.45 -3.89
C GLY A 236 -4.17 21.36 -3.89
N GLU A 237 -4.18 22.31 -4.83
CA GLU A 237 -5.18 23.36 -4.85
C GLU A 237 -6.57 22.84 -5.24
N LEU A 238 -6.64 21.59 -5.68
CA LEU A 238 -7.93 20.92 -5.87
C LEU A 238 -8.69 20.77 -4.56
N VAL A 239 -7.98 20.72 -3.44
CA VAL A 239 -8.60 20.45 -2.13
C VAL A 239 -8.48 21.65 -1.17
N ASP A 240 -9.55 21.93 -0.44
CA ASP A 240 -9.53 23.00 0.54
C ASP A 240 -8.96 22.38 1.80
N THR A 241 -7.72 22.72 2.12
CA THR A 241 -7.03 22.06 3.23
C THR A 241 -7.72 22.21 4.59
N ALA A 242 -8.33 23.37 4.83
CA ALA A 242 -9.02 23.57 6.10
C ALA A 242 -10.26 22.66 6.14
N ALA A 243 -11.04 22.66 5.06
CA ALA A 243 -12.21 21.74 4.91
C ALA A 243 -11.81 20.30 5.19
N LEU A 244 -10.68 19.88 4.64
CA LEU A 244 -10.14 18.54 4.83
C LEU A 244 -9.81 18.25 6.30
N ILE A 245 -9.09 19.16 6.92
CA ILE A 245 -8.66 18.95 8.30
C ILE A 245 -9.85 18.85 9.24
N GLU A 246 -10.84 19.70 8.98
CA GLU A 246 -12.05 19.73 9.77
C GLU A 246 -12.77 18.41 9.56
N ALA A 247 -12.89 17.99 8.30
CA ALA A 247 -13.54 16.72 7.97
C ALA A 247 -12.87 15.54 8.68
N LEU A 248 -11.54 15.52 8.72
CA LEU A 248 -10.80 14.47 9.41
C LEU A 248 -11.07 14.54 10.89
N GLU A 249 -10.86 15.72 11.47
CA GLU A 249 -11.06 15.94 12.91
C GLU A 249 -12.45 15.53 13.39
N LYS A 250 -13.45 15.73 12.54
CA LYS A 250 -14.84 15.43 12.89
C LYS A 250 -15.25 14.02 12.51
N HIS A 251 -14.32 13.26 11.94
CA HIS A 251 -14.56 11.92 11.41
C HIS A 251 -15.67 11.92 10.34
N GLU A 252 -15.70 12.96 9.53
CA GLU A 252 -16.62 13.01 8.39
C GLU A 252 -16.08 12.28 7.16
N ILE A 253 -14.76 12.04 7.15
CA ILE A 253 -14.12 11.05 6.27
C ILE A 253 -13.12 10.25 7.12
N ALA A 254 -12.65 9.12 6.58
CA ALA A 254 -11.88 8.11 7.33
C ALA A 254 -10.35 8.28 7.27
N ALA A 255 -9.86 8.83 6.16
CA ALA A 255 -8.42 8.98 5.97
C ALA A 255 -8.13 9.79 4.72
N ALA A 256 -6.90 10.28 4.61
CA ALA A 256 -6.46 10.90 3.38
C ALA A 256 -5.01 10.66 3.11
N GLY A 257 -4.68 10.48 1.84
CA GLY A 257 -3.30 10.36 1.38
C GLY A 257 -3.05 11.42 0.32
N LEU A 258 -2.16 12.37 0.65
CA LEU A 258 -1.94 13.55 -0.16
C LEU A 258 -0.47 13.61 -0.52
N ASP A 259 -0.19 13.64 -1.81
CA ASP A 259 1.17 13.81 -2.29
C ASP A 259 1.40 15.26 -2.60
N THR A 260 0.37 16.08 -2.41
CA THR A 260 0.35 17.46 -2.88
C THR A 260 -0.65 18.23 -2.09
N LEU A 261 -0.37 19.50 -1.87
CA LEU A 261 -1.06 20.24 -0.82
C LEU A 261 -1.07 21.70 -1.18
N ALA A 262 -2.19 22.36 -1.03
CA ALA A 262 -2.21 23.79 -1.27
C ALA A 262 -1.04 24.48 -0.54
N HIS A 263 -0.42 25.47 -1.22
CA HIS A 263 0.68 26.26 -0.67
C HIS A 263 1.98 25.50 -0.41
N GLU A 264 2.20 24.42 -1.14
CA GLU A 264 3.38 23.56 -0.94
C GLU A 264 4.68 24.15 -1.44
N SER A 265 4.58 24.97 -2.47
CA SER A 265 5.73 25.66 -3.05
C SER A 265 6.71 26.16 -2.00
N SER A 266 6.20 26.63 -0.87
CA SER A 266 7.05 27.26 0.13
C SER A 266 7.96 26.27 0.87
N TYR A 267 7.62 24.99 0.90
CA TYR A 267 8.45 24.02 1.61
C TYR A 267 8.67 22.69 0.95
N PHE A 268 7.82 22.28 0.01
CA PHE A 268 8.10 21.07 -0.76
C PHE A 268 9.36 21.27 -1.64
N PHE A 269 10.21 20.25 -1.65
CA PHE A 269 11.50 20.25 -2.33
C PHE A 269 12.59 21.06 -1.63
N LYS A 270 12.51 21.18 -0.31
CA LYS A 270 13.43 22.02 0.47
C LYS A 270 13.81 21.42 1.82
N LYS A 271 14.86 21.97 2.42
CA LYS A 271 15.19 21.67 3.82
C LYS A 271 14.92 22.95 4.58
N VAL A 272 14.15 22.82 5.66
CA VAL A 272 13.64 23.95 6.38
C VAL A 272 13.55 23.69 7.86
N ASP A 273 13.44 24.78 8.61
CA ASP A 273 13.31 24.76 10.05
C ASP A 273 11.85 24.71 10.41
N ASP A 274 11.53 24.04 11.52
CA ASP A 274 10.17 23.98 12.06
C ASP A 274 9.33 25.23 11.77
N ALA A 275 9.92 26.39 12.05
CA ALA A 275 9.25 27.67 11.89
C ALA A 275 8.78 27.95 10.48
N GLN A 276 9.43 27.33 9.49
CA GLN A 276 9.12 27.55 8.07
C GLN A 276 8.08 26.58 7.50
N ILE A 277 7.66 25.61 8.31
CA ILE A 277 6.69 24.62 7.89
C ILE A 277 5.35 25.17 8.33
N PRO A 278 4.36 25.19 7.41
CA PRO A 278 3.04 25.73 7.80
C PRO A 278 2.29 24.86 8.80
N ALA A 279 1.32 25.46 9.47
CA ALA A 279 0.56 24.79 10.52
C ALA A 279 -0.45 23.78 10.00
N ASP A 280 -0.95 23.94 8.77
CA ASP A 280 -1.88 22.95 8.18
C ASP A 280 -1.15 21.63 7.85
N TYR A 281 0.11 21.68 7.44
CA TYR A 281 0.88 20.44 7.32
C TYR A 281 1.10 19.79 8.71
N LYS A 282 1.52 20.57 9.69
CA LYS A 282 1.80 20.01 11.03
C LYS A 282 0.60 19.23 11.57
N LYS A 283 -0.61 19.73 11.31
CA LYS A 283 -1.82 19.07 11.79
C LYS A 283 -1.94 17.73 11.09
N LEU A 284 -1.92 17.74 9.75
CA LEU A 284 -2.10 16.52 8.94
C LEU A 284 -1.09 15.42 9.32
N ALA A 285 0.19 15.78 9.32
CA ALA A 285 1.29 14.90 9.71
C ALA A 285 1.12 14.27 11.06
N ALA A 286 0.33 14.89 11.93
CA ALA A 286 0.09 14.36 13.27
C ALA A 286 -1.00 13.28 13.30
N MET A 287 -1.75 13.16 12.22
CA MET A 287 -2.86 12.22 12.15
C MET A 287 -2.44 10.84 11.60
N PRO A 288 -2.59 9.79 12.41
CA PRO A 288 -2.17 8.45 11.97
C PRO A 288 -3.01 7.85 10.84
N ASN A 289 -4.19 8.44 10.59
CA ASN A 289 -4.97 8.16 9.36
C ASN A 289 -4.68 9.11 8.20
N VAL A 290 -3.52 9.77 8.21
CA VAL A 290 -3.10 10.61 7.09
C VAL A 290 -1.71 10.22 6.60
N ILE A 291 -1.50 10.38 5.29
CA ILE A 291 -0.19 10.25 4.67
C ILE A 291 0.13 11.53 3.89
N VAL A 292 1.27 12.14 4.15
CA VAL A 292 1.73 13.17 3.25
C VAL A 292 3.06 12.76 2.75
N THR A 293 3.20 12.72 1.43
CA THR A 293 4.45 12.59 0.73
C THR A 293 4.73 13.91 -0.01
N PRO A 294 6.01 14.24 -0.23
CA PRO A 294 6.34 15.54 -0.78
C PRO A 294 6.32 15.56 -2.27
N HIS A 295 5.11 15.51 -2.84
CA HIS A 295 4.94 15.48 -4.30
C HIS A 295 5.92 14.50 -4.97
N SER A 296 6.06 13.31 -4.39
CA SER A 296 6.99 12.32 -4.93
C SER A 296 6.32 11.15 -5.68
N ALA A 297 5.04 11.25 -6.01
CA ALA A 297 4.39 10.16 -6.73
C ALA A 297 5.10 9.85 -8.06
N TYR A 298 5.61 10.90 -8.72
CA TYR A 298 6.33 10.74 -10.00
C TYR A 298 7.64 9.96 -9.86
N PHE A 299 8.22 9.91 -8.66
CA PHE A 299 9.64 9.62 -8.47
C PHE A 299 10.00 8.11 -8.51
N THR A 300 10.12 7.58 -9.73
CA THR A 300 10.69 6.27 -9.97
C THR A 300 11.87 6.40 -10.91
N LYS A 301 12.59 5.30 -11.10
CA LYS A 301 13.73 5.28 -12.00
C LYS A 301 13.17 5.59 -13.37
N THR A 302 12.22 4.78 -13.80
CA THR A 302 11.56 5.00 -15.04
C THR A 302 11.19 6.48 -15.30
N SER A 303 10.72 7.22 -14.30
CA SER A 303 10.24 8.57 -14.61
C SER A 303 11.45 9.38 -14.89
N VAL A 304 12.43 9.28 -13.99
CA VAL A 304 13.62 10.13 -14.06
C VAL A 304 14.36 9.95 -15.39
N ARG A 305 14.52 8.70 -15.80
CA ARG A 305 15.04 8.36 -17.09
C ARG A 305 14.22 8.92 -18.25
N ASN A 306 12.89 8.89 -18.18
CA ASN A 306 12.04 9.37 -19.27
C ASN A 306 12.04 10.87 -19.33
N MET A 307 12.23 11.52 -18.18
CA MET A 307 12.24 12.97 -18.16
C MET A 307 13.40 13.37 -19.03
N ILE A 308 14.51 12.62 -18.93
CA ILE A 308 15.69 12.90 -19.76
C ILE A 308 15.60 12.37 -21.19
N GLU A 309 15.31 11.08 -21.32
CA GLU A 309 15.38 10.39 -22.63
C GLU A 309 14.25 10.75 -23.63
N ILE A 310 13.15 11.31 -23.14
CA ILE A 310 12.08 11.77 -24.02
C ILE A 310 12.35 13.18 -24.53
N SER A 311 12.88 14.06 -23.67
CA SER A 311 13.27 15.39 -24.09
C SER A 311 14.44 15.34 -25.07
N LEU A 312 15.47 14.61 -24.68
CA LEU A 312 16.67 14.41 -25.51
C LEU A 312 16.29 14.06 -26.96
N ARG A 313 15.39 13.08 -27.07
CA ARG A 313 14.99 12.43 -28.32
C ARG A 313 14.22 13.39 -29.23
N ASP A 314 13.42 14.27 -28.66
CA ASP A 314 12.75 15.30 -29.46
C ASP A 314 13.68 16.46 -29.76
N THR A 315 14.69 16.64 -28.91
CA THR A 315 15.67 17.71 -29.09
C THR A 315 16.68 17.39 -30.18
N ILE A 316 17.12 16.12 -30.23
CA ILE A 316 17.99 15.58 -31.29
C ILE A 316 17.29 15.55 -32.67
N ALA A 317 16.02 15.15 -32.68
CA ALA A 317 15.20 15.14 -33.90
C ALA A 317 15.12 16.55 -34.49
N LEU A 318 14.62 17.48 -33.69
CA LEU A 318 14.45 18.89 -34.09
C LEU A 318 15.76 19.51 -34.55
N ALA A 319 16.87 19.09 -33.94
CA ALA A 319 18.22 19.47 -34.39
C ALA A 319 18.57 18.84 -35.76
N ASN A 320 18.15 17.59 -35.98
CA ASN A 320 18.31 16.93 -37.30
C ASN A 320 17.26 17.30 -38.37
N GLY A 321 16.32 18.17 -37.98
CA GLY A 321 15.24 18.62 -38.85
C GLY A 321 13.99 17.77 -38.74
N GLU A 322 14.03 16.70 -37.96
CA GLU A 322 12.93 15.72 -37.90
C GLU A 322 11.70 16.16 -37.06
N ARG A 323 10.76 15.21 -36.88
CA ARG A 323 9.54 15.43 -36.09
C ARG A 323 9.77 15.21 -34.59
N ALA A 324 9.34 16.17 -33.79
CA ALA A 324 9.22 16.00 -32.34
C ALA A 324 7.78 15.59 -32.03
N HIS A 325 7.61 14.76 -31.00
CA HIS A 325 6.30 14.26 -30.61
C HIS A 325 5.56 15.17 -29.62
N PHE A 326 6.31 16.02 -28.91
CA PHE A 326 5.75 16.81 -27.82
C PHE A 326 6.14 18.28 -27.89
N VAL A 327 5.80 18.88 -29.04
CA VAL A 327 5.81 20.35 -29.24
C VAL A 327 4.60 20.96 -28.52
N VAL A 328 4.70 22.22 -28.13
CA VAL A 328 3.74 22.80 -27.21
C VAL A 328 3.32 24.22 -27.59
N SER A 329 2.03 24.52 -27.38
CA SER A 329 1.47 25.83 -27.72
C SER A 329 0.95 26.61 -26.50
N ARG A 330 1.36 27.87 -26.40
CA ARG A 330 0.88 28.78 -25.35
C ARG A 330 1.18 28.30 -23.95
N MET B 1 -31.59 -22.89 16.51
CA MET B 1 -31.82 -23.09 17.96
C MET B 1 -31.00 -22.03 18.74
N LYS B 2 -30.51 -22.38 19.94
CA LYS B 2 -29.65 -21.48 20.70
C LYS B 2 -28.20 -22.00 20.82
N ILE B 3 -27.28 -21.24 20.23
CA ILE B 3 -25.86 -21.56 20.22
C ILE B 3 -25.10 -20.55 21.10
N ALA B 4 -24.39 -21.05 22.11
CA ALA B 4 -23.51 -20.23 22.93
C ALA B 4 -22.28 -19.80 22.17
N VAL B 5 -21.92 -18.51 22.29
CA VAL B 5 -20.71 -17.94 21.67
C VAL B 5 -19.81 -17.33 22.74
N PHE B 6 -18.67 -17.97 22.95
CA PHE B 6 -17.76 -17.59 24.02
C PHE B 6 -16.69 -16.71 23.48
N SER B 7 -16.29 -15.72 24.26
CA SER B 7 -15.16 -14.86 23.94
C SER B 7 -15.48 -14.03 22.68
N PRO B 8 -16.67 -13.44 22.61
CA PRO B 8 -16.96 -12.71 21.39
C PRO B 8 -16.13 -11.47 21.28
N SER B 9 -15.64 -11.19 20.08
CA SER B 9 -14.97 -9.93 19.84
C SER B 9 -16.00 -8.84 19.69
N GLU B 10 -15.58 -7.63 20.02
CA GLU B 10 -16.26 -6.40 19.61
C GLU B 10 -16.80 -6.52 18.17
N SER B 11 -15.99 -7.03 17.24
CA SER B 11 -16.43 -7.16 15.82
C SER B 11 -17.48 -8.23 15.60
N GLU B 12 -17.36 -9.33 16.32
CA GLU B 12 -18.36 -10.38 16.25
C GLU B 12 -19.69 -9.89 16.83
N ARG B 13 -19.67 -9.16 17.93
CA ARG B 13 -20.92 -8.57 18.42
C ARG B 13 -21.74 -7.81 17.35
N LYS B 14 -21.07 -7.10 16.46
CA LYS B 14 -21.80 -6.32 15.47
C LYS B 14 -22.54 -7.20 14.47
N LEU B 15 -22.17 -8.47 14.37
CA LEU B 15 -22.72 -9.39 13.38
C LEU B 15 -23.90 -10.15 13.87
N VAL B 16 -24.16 -10.14 15.17
CA VAL B 16 -25.04 -11.13 15.76
C VAL B 16 -26.43 -11.17 15.11
N ALA B 17 -27.08 -10.03 14.96
CA ALA B 17 -28.46 -10.03 14.48
C ALA B 17 -28.50 -10.58 13.09
N ALA B 18 -27.58 -10.11 12.23
CA ALA B 18 -27.57 -10.55 10.85
C ALA B 18 -27.48 -12.07 10.82
N THR B 19 -26.54 -12.56 11.61
CA THR B 19 -26.25 -13.96 11.74
C THR B 19 -27.42 -14.74 12.30
N GLU B 20 -28.10 -14.17 13.28
CA GLU B 20 -29.24 -14.85 13.83
C GLU B 20 -30.29 -14.99 12.75
N LYS B 21 -30.50 -13.93 11.99
CA LYS B 21 -31.49 -13.96 10.94
C LYS B 21 -31.15 -14.94 9.83
N LYS B 22 -29.90 -14.92 9.41
CA LYS B 22 -29.48 -15.74 8.30
C LYS B 22 -29.60 -17.19 8.67
N PHE B 23 -29.19 -17.52 9.88
CA PHE B 23 -29.19 -18.90 10.31
C PHE B 23 -30.42 -19.25 11.11
N GLY B 24 -31.32 -18.28 11.27
CA GLY B 24 -32.56 -18.57 11.96
C GLY B 24 -32.28 -19.20 13.30
N CYS B 25 -31.33 -18.65 14.03
CA CYS B 25 -30.92 -19.18 15.31
C CYS B 25 -30.70 -18.06 16.28
N GLU B 26 -30.60 -18.38 17.55
CA GLU B 26 -30.33 -17.40 18.58
C GLU B 26 -28.89 -17.56 19.03
N LEU B 27 -28.19 -16.46 19.20
CA LEU B 27 -26.81 -16.51 19.71
C LEU B 27 -26.81 -16.04 21.15
N LYS B 28 -26.13 -16.76 22.02
CA LYS B 28 -25.96 -16.34 23.41
C LYS B 28 -24.48 -16.07 23.69
N LEU B 29 -24.13 -14.79 23.71
CA LEU B 29 -22.75 -14.34 23.89
C LEU B 29 -22.35 -14.34 25.35
N ILE B 30 -21.16 -14.86 25.65
CA ILE B 30 -20.62 -14.83 26.99
C ILE B 30 -19.22 -14.22 26.90
N ASP B 31 -18.96 -13.28 27.80
CA ASP B 31 -17.82 -12.38 27.66
C ASP B 31 -16.47 -13.05 27.88
N GLU B 32 -16.38 -14.06 28.75
CA GLU B 32 -15.15 -14.84 28.90
C GLU B 32 -15.20 -16.03 28.00
N SER B 33 -14.06 -16.69 27.85
CA SER B 33 -14.00 -17.91 27.07
C SER B 33 -14.41 -19.06 28.00
N LEU B 34 -14.65 -20.22 27.42
CA LEU B 34 -15.24 -21.31 28.17
C LEU B 34 -14.26 -21.94 29.13
N SER B 35 -14.74 -22.29 30.30
CA SER B 35 -13.92 -22.76 31.43
C SER B 35 -14.85 -23.42 32.43
N ALA B 36 -14.27 -24.24 33.31
CA ALA B 36 -15.05 -24.93 34.36
C ALA B 36 -16.02 -24.02 35.11
N GLU B 37 -15.65 -22.76 35.34
CA GLU B 37 -16.55 -21.79 35.99
C GLU B 37 -17.88 -21.63 35.26
N ASN B 38 -17.83 -21.18 34.02
CA ASN B 38 -19.04 -20.75 33.31
C ASN B 38 -19.67 -21.74 32.29
N VAL B 39 -19.30 -23.03 32.37
CA VAL B 39 -19.90 -24.06 31.49
C VAL B 39 -21.37 -24.29 31.81
N ASP B 40 -21.75 -24.06 33.06
CA ASP B 40 -23.14 -24.14 33.46
C ASP B 40 -24.02 -23.19 32.63
N GLN B 41 -23.40 -22.37 31.79
CA GLN B 41 -24.15 -21.42 30.97
C GLN B 41 -24.68 -21.96 29.63
N VAL B 42 -24.17 -23.10 29.15
CA VAL B 42 -24.67 -23.71 27.89
C VAL B 42 -25.86 -24.66 28.07
N ALA B 43 -26.32 -24.81 29.33
CA ALA B 43 -27.46 -25.68 29.66
C ALA B 43 -28.65 -25.44 28.70
N ASP B 44 -29.01 -24.17 28.54
CA ASP B 44 -30.07 -23.78 27.62
C ASP B 44 -29.69 -23.81 26.11
N CYS B 45 -28.58 -24.43 25.71
CA CYS B 45 -28.08 -24.32 24.34
C CYS B 45 -27.86 -25.68 23.70
N ASP B 46 -27.85 -25.69 22.37
CA ASP B 46 -27.72 -26.90 21.55
C ASP B 46 -26.32 -27.12 20.91
N GLY B 47 -25.42 -26.14 21.06
CA GLY B 47 -24.10 -26.16 20.44
C GLY B 47 -23.25 -25.03 20.99
N VAL B 48 -21.99 -24.97 20.57
CA VAL B 48 -21.06 -24.06 21.21
C VAL B 48 -19.94 -23.57 20.25
N LEU B 49 -19.72 -22.25 20.25
CA LEU B 49 -18.67 -21.62 19.44
C LEU B 49 -17.59 -21.00 20.33
N LEU B 50 -16.34 -21.41 20.15
CA LEU B 50 -15.24 -21.00 21.03
C LEU B 50 -14.11 -20.22 20.39
N LYS B 51 -13.54 -19.30 21.16
CA LYS B 51 -12.35 -18.56 20.79
C LYS B 51 -11.38 -18.65 21.97
N PRO B 52 -10.70 -19.87 22.10
CA PRO B 52 -10.02 -20.00 23.40
C PRO B 52 -8.79 -19.13 23.61
N LEU B 53 -8.78 -18.46 24.75
CA LEU B 53 -7.64 -17.70 25.21
C LEU B 53 -6.47 -18.63 25.45
N GLY B 54 -6.78 -19.73 26.09
CA GLY B 54 -5.80 -20.62 26.66
C GLY B 54 -6.41 -21.99 26.75
N ASN B 55 -5.59 -23.00 26.99
CA ASN B 55 -6.01 -24.38 26.86
C ASN B 55 -7.25 -24.77 27.65
N LEU B 56 -8.03 -25.65 27.03
CA LEU B 56 -9.11 -26.31 27.73
C LEU B 56 -8.47 -27.55 28.30
N ASP B 57 -7.95 -27.44 29.51
CA ASP B 57 -7.13 -28.50 30.10
C ASP B 57 -7.95 -29.50 30.93
N ASP B 58 -8.81 -29.00 31.82
CA ASP B 58 -9.53 -29.88 32.75
C ASP B 58 -10.74 -30.59 32.11
N GLU B 59 -11.12 -31.74 32.62
CA GLU B 59 -12.24 -32.45 32.00
C GLU B 59 -13.62 -32.19 32.62
N ILE B 60 -13.68 -31.43 33.69
CA ILE B 60 -14.96 -31.08 34.27
C ILE B 60 -15.79 -30.35 33.21
N VAL B 61 -15.13 -29.56 32.37
CA VAL B 61 -15.76 -28.84 31.25
C VAL B 61 -16.21 -29.80 30.16
N TYR B 62 -15.30 -30.69 29.74
CA TYR B 62 -15.58 -31.64 28.65
C TYR B 62 -16.72 -32.59 29.00
N LYS B 63 -16.82 -32.98 30.26
CA LYS B 63 -17.95 -33.78 30.74
C LYS B 63 -19.22 -32.95 30.69
N LYS B 64 -19.29 -31.89 31.50
CA LYS B 64 -20.55 -31.15 31.67
C LYS B 64 -21.16 -30.73 30.31
N LEU B 65 -20.33 -30.60 29.28
CA LEU B 65 -20.81 -30.37 27.90
C LEU B 65 -21.63 -31.54 27.37
N ALA B 66 -21.08 -32.74 27.52
CA ALA B 66 -21.75 -33.99 27.14
C ALA B 66 -23.09 -34.12 27.86
N ASP B 67 -23.08 -33.93 29.18
CA ASP B 67 -24.31 -33.91 30.01
C ASP B 67 -25.46 -33.11 29.39
N TYR B 68 -25.15 -31.95 28.83
CA TYR B 68 -26.16 -31.03 28.32
C TYR B 68 -26.54 -31.29 26.85
N GLY B 69 -26.03 -32.39 26.30
CA GLY B 69 -26.42 -32.81 24.97
C GLY B 69 -25.52 -32.30 23.86
N ILE B 70 -24.45 -31.60 24.22
CA ILE B 70 -23.59 -30.95 23.24
C ILE B 70 -22.69 -32.03 22.62
N LYS B 71 -22.62 -32.02 21.29
CA LYS B 71 -21.98 -33.10 20.53
C LYS B 71 -20.80 -32.62 19.71
N SER B 72 -20.40 -31.37 19.88
CA SER B 72 -19.37 -30.76 19.02
C SER B 72 -18.65 -29.68 19.78
N ILE B 73 -17.37 -29.49 19.46
CA ILE B 73 -16.65 -28.27 19.77
C ILE B 73 -16.44 -27.50 18.46
N GLY B 74 -17.12 -26.35 18.37
CA GLY B 74 -17.05 -25.46 17.20
C GLY B 74 -16.08 -24.32 17.43
N LEU B 75 -14.92 -24.42 16.80
CA LEU B 75 -13.83 -23.47 16.94
C LEU B 75 -13.95 -22.39 15.87
N ARG B 76 -13.82 -21.12 16.26
CA ARG B 76 -13.90 -20.00 15.33
C ARG B 76 -12.50 -19.61 14.82
N ILE B 77 -11.57 -20.55 14.91
CA ILE B 77 -10.22 -20.34 14.50
C ILE B 77 -9.67 -21.55 13.69
N VAL B 78 -8.43 -21.42 13.28
CA VAL B 78 -7.71 -22.51 12.64
C VAL B 78 -7.02 -23.39 13.70
N GLY B 79 -6.40 -22.74 14.69
CA GLY B 79 -5.64 -23.42 15.72
C GLY B 79 -6.45 -24.33 16.62
N THR B 80 -5.91 -25.52 16.86
CA THR B 80 -6.57 -26.56 17.64
C THR B 80 -5.82 -26.92 18.93
N ASN B 81 -4.67 -26.27 19.16
CA ASN B 81 -3.77 -26.69 20.22
C ASN B 81 -4.38 -26.62 21.62
N THR B 82 -5.35 -25.74 21.84
CA THR B 82 -6.02 -25.66 23.13
C THR B 82 -6.95 -26.85 23.38
N ILE B 83 -7.19 -27.69 22.35
CA ILE B 83 -8.22 -28.75 22.45
C ILE B 83 -7.64 -30.12 22.73
N ASP B 84 -7.85 -30.55 23.98
CA ASP B 84 -7.47 -31.85 24.48
C ASP B 84 -8.28 -32.94 23.78
N PHE B 85 -7.79 -33.43 22.65
CA PHE B 85 -8.52 -34.43 21.86
C PHE B 85 -8.60 -35.78 22.57
N ASP B 86 -7.71 -35.99 23.55
CA ASP B 86 -7.83 -37.13 24.47
C ASP B 86 -9.27 -37.10 25.01
N LEU B 87 -9.61 -36.03 25.71
CA LEU B 87 -10.93 -35.88 26.32
C LEU B 87 -12.06 -35.78 25.26
N ALA B 88 -11.81 -35.09 24.15
CA ALA B 88 -12.84 -34.92 23.09
C ALA B 88 -13.44 -36.24 22.67
N LYS B 89 -12.57 -37.19 22.31
CA LYS B 89 -13.01 -38.50 21.88
C LYS B 89 -13.72 -39.18 23.02
N LYS B 90 -13.22 -38.94 24.22
CA LYS B 90 -13.76 -39.58 25.39
C LYS B 90 -15.21 -39.21 25.57
N TYR B 91 -15.55 -37.96 25.34
CA TYR B 91 -16.92 -37.53 25.52
C TYR B 91 -17.70 -37.42 24.22
N HIS B 92 -17.13 -37.93 23.17
CA HIS B 92 -17.86 -38.08 21.93
C HIS B 92 -18.12 -36.75 21.29
N LEU B 93 -17.40 -35.74 21.75
CA LEU B 93 -17.54 -34.42 21.17
C LEU B 93 -16.58 -34.35 20.03
N THR B 94 -17.10 -34.17 18.82
CA THR B 94 -16.22 -33.98 17.67
C THR B 94 -15.71 -32.51 17.72
N VAL B 95 -14.77 -32.15 16.84
CA VAL B 95 -14.25 -30.78 16.79
C VAL B 95 -14.19 -30.29 15.35
N THR B 96 -14.75 -29.10 15.14
CA THR B 96 -14.70 -28.45 13.84
C THR B 96 -13.74 -27.26 13.95
N ASN B 97 -13.35 -26.68 12.83
CA ASN B 97 -12.52 -25.48 12.90
C ASN B 97 -12.75 -24.61 11.68
N VAL B 98 -12.05 -23.48 11.63
CA VAL B 98 -12.12 -22.56 10.50
C VAL B 98 -10.70 -22.34 9.95
N PRO B 99 -10.33 -23.16 8.95
CA PRO B 99 -9.00 -23.02 8.39
C PRO B 99 -8.91 -21.81 7.46
N VAL B 100 -9.82 -21.72 6.51
CA VAL B 100 -9.76 -20.71 5.49
C VAL B 100 -10.86 -19.70 5.77
N TYR B 101 -10.48 -18.53 6.31
CA TYR B 101 -11.44 -17.46 6.49
C TYR B 101 -11.39 -16.34 5.46
N SER B 102 -10.22 -15.84 5.14
CA SER B 102 -10.06 -14.97 3.96
C SER B 102 -8.63 -14.90 3.50
N PRO B 103 -8.27 -15.70 2.40
CA PRO B 103 -6.86 -15.57 1.99
C PRO B 103 -6.47 -14.19 1.49
N ARG B 104 -7.38 -13.54 0.80
CA ARG B 104 -7.18 -12.22 0.25
C ARG B 104 -6.94 -11.16 1.31
N ALA B 105 -7.54 -11.31 2.49
CA ALA B 105 -7.30 -10.35 3.56
C ALA B 105 -5.86 -10.33 4.00
N ILE B 106 -5.25 -11.49 4.16
CA ILE B 106 -3.87 -11.58 4.55
C ILE B 106 -3.04 -11.13 3.37
N ALA B 107 -3.38 -11.66 2.20
CA ALA B 107 -2.68 -11.37 0.96
C ALA B 107 -2.63 -9.87 0.69
N GLU B 108 -3.75 -9.20 0.88
CA GLU B 108 -3.83 -7.77 0.65
C GLU B 108 -3.03 -6.93 1.68
N MET B 109 -2.93 -7.43 2.90
CA MET B 109 -2.07 -6.81 3.90
C MET B 109 -0.63 -6.95 3.43
N ALA B 110 -0.28 -8.14 2.96
CA ALA B 110 1.08 -8.35 2.48
C ALA B 110 1.43 -7.36 1.35
N VAL B 111 0.59 -7.34 0.31
CA VAL B 111 0.84 -6.51 -0.86
C VAL B 111 0.90 -5.05 -0.40
N THR B 112 -0.03 -4.69 0.47
CA THR B 112 -0.11 -3.32 0.94
C THR B 112 1.20 -2.89 1.61
N GLN B 113 1.70 -3.73 2.52
CA GLN B 113 2.91 -3.38 3.23
C GLN B 113 4.05 -3.27 2.26
N ALA B 114 4.10 -4.22 1.35
CA ALA B 114 5.13 -4.20 0.33
C ALA B 114 5.15 -2.91 -0.52
N MET B 115 3.98 -2.52 -0.99
CA MET B 115 3.83 -1.29 -1.75
C MET B 115 4.39 -0.10 -0.97
N TYR B 116 3.89 0.08 0.25
CA TYR B 116 4.28 1.25 1.04
C TYR B 116 5.80 1.38 1.24
N LEU B 117 6.43 0.26 1.52
CA LEU B 117 7.87 0.25 1.76
C LEU B 117 8.63 0.49 0.46
N ASN B 118 8.12 -0.10 -0.63
CA ASN B 118 8.71 0.15 -1.93
C ASN B 118 8.69 1.63 -2.29
N ARG B 119 7.60 2.33 -1.94
CA ARG B 119 7.49 3.72 -2.24
C ARG B 119 8.17 4.58 -1.19
N LYS B 120 8.60 3.94 -0.11
CA LYS B 120 9.45 4.56 0.93
C LYS B 120 8.78 5.69 1.68
N ILE B 121 7.49 5.58 1.82
CA ILE B 121 6.69 6.64 2.39
C ILE B 121 7.10 6.95 3.84
N GLY B 122 7.56 5.94 4.57
CA GLY B 122 7.94 6.11 5.96
C GLY B 122 9.26 6.83 6.10
N GLU B 123 10.16 6.52 5.18
CA GLU B 123 11.47 7.16 5.14
C GLU B 123 11.29 8.59 4.77
N PHE B 124 10.45 8.83 3.78
CA PHE B 124 10.08 10.19 3.43
C PHE B 124 9.55 10.95 4.60
N LYS B 125 8.66 10.33 5.36
CA LYS B 125 8.08 10.96 6.54
C LYS B 125 9.15 11.29 7.59
N ALA B 126 10.11 10.37 7.74
CA ALA B 126 11.21 10.55 8.66
C ALA B 126 12.07 11.73 8.22
N ASN B 127 12.32 11.79 6.91
CA ASN B 127 12.97 12.93 6.28
C ASN B 127 12.21 14.23 6.55
N MET B 128 10.88 14.18 6.42
CA MET B 128 10.03 15.35 6.56
C MET B 128 9.93 15.84 8.01
N ASP B 129 9.78 14.90 8.95
CA ASP B 129 9.76 15.22 10.40
C ASP B 129 11.00 16.05 10.79
N LYS B 130 12.10 15.93 10.06
CA LYS B 130 13.32 16.65 10.35
C LYS B 130 13.47 17.88 9.45
N GLY B 131 12.47 18.17 8.61
CA GLY B 131 12.48 19.36 7.76
C GLY B 131 12.92 19.14 6.33
N ASP B 132 13.21 17.89 5.98
CA ASP B 132 13.65 17.58 4.62
C ASP B 132 12.48 17.13 3.70
N PHE B 133 12.10 18.04 2.80
CA PHE B 133 11.02 17.79 1.82
C PHE B 133 11.57 17.64 0.41
N THR B 134 12.81 17.20 0.33
CA THR B 134 13.44 16.94 -0.95
C THR B 134 13.06 15.56 -1.51
N ASN B 135 13.60 15.25 -2.69
CA ASN B 135 13.50 13.94 -3.28
C ASN B 135 14.90 13.35 -3.51
N PRO B 136 15.60 13.01 -2.43
CA PRO B 136 16.94 12.45 -2.63
C PRO B 136 16.92 11.12 -3.41
N ASP B 137 17.99 10.85 -4.13
CA ASP B 137 18.06 9.61 -4.88
C ASP B 137 17.86 8.34 -4.03
N SER B 138 18.34 8.36 -2.78
CA SER B 138 18.21 7.21 -1.86
C SER B 138 16.77 6.77 -1.63
N LEU B 139 15.84 7.70 -1.85
CA LEU B 139 14.41 7.44 -1.73
C LEU B 139 13.71 7.35 -3.08
N ILE B 140 14.45 7.05 -4.15
CA ILE B 140 13.81 6.81 -5.45
C ILE B 140 13.16 5.45 -5.44
N SER B 141 12.02 5.34 -6.12
CA SER B 141 11.27 4.09 -6.12
C SER B 141 11.22 3.55 -7.53
N ASN B 142 10.28 2.65 -7.77
CA ASN B 142 10.11 2.09 -9.08
C ASN B 142 8.74 1.48 -9.22
N GLU B 143 8.29 1.35 -10.46
CA GLU B 143 7.00 0.75 -10.73
C GLU B 143 7.04 -0.72 -10.37
N ILE B 144 5.91 -1.20 -9.93
CA ILE B 144 5.85 -2.52 -9.39
C ILE B 144 6.04 -3.54 -10.52
N TYR B 145 5.68 -3.17 -11.76
CA TYR B 145 5.87 -4.08 -12.90
C TYR B 145 7.32 -4.21 -13.30
N ASN B 146 8.24 -3.42 -12.71
CA ASN B 146 9.68 -3.67 -12.87
C ASN B 146 10.25 -4.51 -11.77
N LYS B 147 9.40 -5.08 -10.92
CA LYS B 147 9.86 -5.81 -9.76
C LYS B 147 9.66 -7.31 -9.92
N THR B 148 10.54 -8.09 -9.29
CA THR B 148 10.36 -9.51 -9.18
C THR B 148 9.90 -9.80 -7.76
N ILE B 149 8.87 -10.61 -7.64
CA ILE B 149 8.38 -11.04 -6.36
C ILE B 149 8.77 -12.50 -6.09
N GLY B 150 9.17 -12.77 -4.86
CA GLY B 150 9.54 -14.12 -4.44
C GLY B 150 8.63 -14.61 -3.33
N LEU B 151 7.94 -15.71 -3.58
CA LEU B 151 7.14 -16.35 -2.54
C LEU B 151 7.82 -17.60 -1.99
N ILE B 152 7.97 -17.67 -0.68
CA ILE B 152 8.37 -18.90 -0.04
C ILE B 152 7.11 -19.56 0.47
N GLY B 153 6.74 -20.66 -0.15
CA GLY B 153 5.48 -21.30 0.15
C GLY B 153 4.46 -20.65 -0.76
N VAL B 154 3.35 -21.32 -0.98
CA VAL B 154 2.26 -20.70 -1.71
C VAL B 154 1.00 -20.76 -0.89
N GLY B 155 0.26 -21.84 -1.02
CA GLY B 155 -0.94 -21.99 -0.25
C GLY B 155 -2.02 -21.13 -0.83
N HIS B 156 -3.11 -21.01 -0.11
CA HIS B 156 -4.21 -20.17 -0.52
C HIS B 156 -3.82 -18.71 -0.57
N ILE B 157 -3.05 -18.32 0.43
CA ILE B 157 -2.67 -16.94 0.68
C ILE B 157 -1.60 -16.48 -0.30
N GLY B 158 -0.56 -17.31 -0.49
CA GLY B 158 0.53 -17.00 -1.42
C GLY B 158 0.00 -16.95 -2.84
N SER B 159 -0.78 -17.96 -3.18
CA SER B 159 -1.55 -17.97 -4.41
C SER B 159 -2.21 -16.61 -4.67
N ALA B 160 -2.79 -16.02 -3.63
CA ALA B 160 -3.51 -14.75 -3.76
C ALA B 160 -2.56 -13.58 -3.95
N VAL B 161 -1.46 -13.59 -3.21
CA VAL B 161 -0.43 -12.58 -3.37
C VAL B 161 0.10 -12.52 -4.79
N ALA B 162 0.30 -13.68 -5.40
CA ALA B 162 0.80 -13.76 -6.74
C ALA B 162 -0.23 -13.26 -7.73
N GLN B 163 -1.45 -13.76 -7.64
CA GLN B 163 -2.54 -13.22 -8.46
C GLN B 163 -2.50 -11.67 -8.57
N ILE B 164 -2.33 -11.02 -7.43
CA ILE B 164 -2.45 -9.59 -7.32
C ILE B 164 -1.28 -8.92 -7.98
N PHE B 165 -0.11 -9.40 -7.63
CA PHE B 165 1.11 -8.76 -8.09
C PHE B 165 1.26 -8.98 -9.55
N SER B 166 0.93 -10.19 -10.00
CA SER B 166 1.01 -10.52 -11.41
C SER B 166 0.01 -9.68 -12.21
N ALA B 167 -1.14 -9.40 -11.61
CA ALA B 167 -2.12 -8.53 -12.19
C ALA B 167 -1.62 -7.09 -12.31
N MET B 168 -0.80 -6.63 -11.38
CA MET B 168 -0.13 -5.34 -11.57
C MET B 168 1.06 -5.39 -12.55
N GLY B 169 1.41 -6.56 -13.08
CA GLY B 169 2.48 -6.67 -14.06
C GLY B 169 3.86 -7.12 -13.56
N ALA B 170 4.00 -7.34 -12.26
CA ALA B 170 5.26 -7.82 -11.69
C ALA B 170 5.51 -9.30 -12.05
N LYS B 171 6.78 -9.70 -12.05
CA LYS B 171 7.14 -11.07 -12.28
C LYS B 171 7.22 -11.77 -10.92
N VAL B 172 6.63 -12.95 -10.82
CA VAL B 172 6.44 -13.62 -9.55
C VAL B 172 7.04 -15.03 -9.60
N LEU B 173 8.00 -15.28 -8.71
CA LEU B 173 8.68 -16.55 -8.59
C LEU B 173 8.24 -17.13 -7.27
N ALA B 174 8.09 -18.45 -7.20
CA ALA B 174 7.79 -19.13 -5.94
C ALA B 174 8.56 -20.43 -5.74
N TYR B 175 9.09 -20.65 -4.54
CA TYR B 175 9.53 -21.97 -4.09
C TYR B 175 8.44 -22.65 -3.29
N ASP B 176 8.34 -23.97 -3.45
CA ASP B 176 7.32 -24.74 -2.78
C ASP B 176 7.68 -26.21 -2.83
N VAL B 177 7.12 -27.01 -1.91
CA VAL B 177 7.37 -28.45 -1.89
C VAL B 177 6.29 -29.22 -2.67
N ILE B 178 5.14 -28.59 -2.91
CA ILE B 178 4.09 -29.21 -3.70
C ILE B 178 3.92 -28.44 -5.00
N TYR B 179 3.59 -29.16 -6.07
CA TYR B 179 3.27 -28.55 -7.34
C TYR B 179 1.77 -28.40 -7.44
N ASN B 180 1.31 -27.22 -7.81
CA ASN B 180 -0.12 -26.93 -7.91
C ASN B 180 -0.40 -26.28 -9.24
N PRO B 181 -1.07 -26.99 -10.15
CA PRO B 181 -1.27 -26.41 -11.49
C PRO B 181 -2.06 -25.09 -11.52
N GLU B 182 -2.92 -24.88 -10.53
CA GLU B 182 -3.77 -23.69 -10.46
C GLU B 182 -3.01 -22.37 -10.54
N VAL B 183 -1.83 -22.31 -9.94
CA VAL B 183 -1.12 -21.04 -9.80
C VAL B 183 -0.14 -20.74 -10.91
N GLU B 184 0.05 -21.68 -11.83
CA GLU B 184 0.98 -21.47 -12.94
C GLU B 184 0.74 -20.17 -13.74
N PRO B 185 -0.51 -19.71 -13.82
CA PRO B 185 -0.74 -18.51 -14.62
C PRO B 185 -0.19 -17.29 -13.98
N TYR B 186 0.13 -17.39 -12.69
CA TYR B 186 0.38 -16.23 -11.86
C TYR B 186 1.78 -16.20 -11.33
N LEU B 187 2.50 -17.30 -11.42
CA LEU B 187 3.84 -17.37 -10.92
C LEU B 187 4.59 -18.47 -11.63
N THR B 188 5.89 -18.47 -11.40
CA THR B 188 6.82 -19.46 -11.93
C THR B 188 7.59 -20.06 -10.76
N TYR B 189 7.48 -21.37 -10.61
CA TYR B 189 8.21 -22.10 -9.58
C TYR B 189 9.70 -22.02 -9.89
N ALA B 190 10.50 -21.82 -8.85
CA ALA B 190 11.95 -21.82 -8.96
C ALA B 190 12.40 -22.38 -7.65
N ASP B 191 13.69 -22.62 -7.47
CA ASP B 191 14.09 -23.12 -6.17
C ASP B 191 14.53 -21.99 -5.26
N PHE B 192 14.49 -22.34 -3.97
CA PHE B 192 14.75 -21.48 -2.85
C PHE B 192 15.83 -20.45 -3.05
N ASP B 193 17.02 -20.88 -3.48
CA ASP B 193 18.13 -19.93 -3.64
C ASP B 193 17.93 -18.93 -4.80
N THR B 194 17.36 -19.35 -5.91
CA THR B 194 17.24 -18.43 -7.03
C THR B 194 16.27 -17.36 -6.56
N VAL B 195 15.25 -17.80 -5.82
CA VAL B 195 14.25 -16.90 -5.29
C VAL B 195 14.81 -15.89 -4.30
N LEU B 196 15.73 -16.31 -3.45
CA LEU B 196 16.35 -15.35 -2.53
C LEU B 196 17.30 -14.40 -3.28
N LYS B 197 17.98 -14.93 -4.28
CA LYS B 197 18.91 -14.13 -5.04
C LYS B 197 18.18 -13.09 -5.86
N GLU B 198 17.19 -13.52 -6.66
CA GLU B 198 16.64 -12.67 -7.72
C GLU B 198 15.40 -11.82 -7.31
N ALA B 199 14.85 -12.03 -6.13
CA ALA B 199 13.62 -11.29 -5.71
C ALA B 199 13.91 -9.91 -5.18
N ASP B 200 13.06 -8.96 -5.56
CA ASP B 200 13.08 -7.60 -5.05
C ASP B 200 12.17 -7.47 -3.88
N ILE B 201 11.15 -8.32 -3.87
CA ILE B 201 10.20 -8.38 -2.79
C ILE B 201 10.01 -9.84 -2.49
N ILE B 202 10.16 -10.19 -1.22
CA ILE B 202 10.03 -11.58 -0.78
C ILE B 202 8.96 -11.60 0.28
N SER B 203 8.07 -12.59 0.21
CA SER B 203 7.03 -12.76 1.21
C SER B 203 6.89 -14.20 1.65
N LEU B 204 6.69 -14.39 2.95
CA LEU B 204 6.67 -15.69 3.55
C LEU B 204 5.28 -16.25 3.59
N HIS B 205 5.16 -17.53 3.25
CA HIS B 205 3.91 -18.23 3.18
C HIS B 205 4.08 -19.72 3.51
N THR B 206 4.94 -19.97 4.50
CA THR B 206 5.35 -21.28 4.99
C THR B 206 4.71 -21.59 6.35
N PRO B 207 4.13 -22.79 6.52
CA PRO B 207 3.67 -23.15 7.85
C PRO B 207 4.83 -23.26 8.84
N LEU B 208 4.55 -22.96 10.12
CA LEU B 208 5.58 -23.15 11.15
C LEU B 208 5.73 -24.64 11.47
N LEU B 209 6.94 -25.16 11.22
CA LEU B 209 7.34 -26.51 11.63
C LEU B 209 8.69 -26.39 12.29
N LYS B 210 9.13 -27.45 12.97
CA LYS B 210 10.48 -27.47 13.55
C LYS B 210 11.52 -27.29 12.44
N SER B 211 11.21 -27.79 11.26
CA SER B 211 12.07 -27.67 10.10
C SER B 211 12.14 -26.25 9.52
N THR B 212 11.14 -25.42 9.81
CA THR B 212 11.14 -24.06 9.28
C THR B 212 11.32 -22.95 10.33
N GLU B 213 11.37 -23.29 11.61
CA GLU B 213 11.76 -22.33 12.64
C GLU B 213 12.98 -21.64 12.12
N ASN B 214 13.01 -20.32 12.22
CA ASN B 214 14.20 -19.56 11.82
C ASN B 214 14.75 -19.77 10.41
N MET B 215 13.93 -20.24 9.46
CA MET B 215 14.46 -20.53 8.14
C MET B 215 15.00 -19.27 7.45
N ILE B 216 14.56 -18.10 7.89
CA ILE B 216 15.19 -16.86 7.44
C ILE B 216 16.09 -16.34 8.56
N GLY B 217 17.39 -16.48 8.33
CA GLY B 217 18.42 -16.06 9.30
C GLY B 217 19.55 -15.32 8.63
N LYS B 218 20.65 -15.12 9.36
CA LYS B 218 21.76 -14.30 8.85
C LYS B 218 22.24 -14.68 7.46
N LYS B 219 22.26 -15.99 7.20
CA LYS B 219 22.73 -16.56 5.94
C LYS B 219 21.91 -16.05 4.77
N GLN B 220 20.58 -16.05 4.98
CA GLN B 220 19.60 -15.67 3.95
C GLN B 220 19.59 -14.15 3.65
N PHE B 221 19.64 -13.33 4.68
CA PHE B 221 19.69 -11.89 4.48
C PHE B 221 20.91 -11.48 3.65
N ALA B 222 22.01 -12.19 3.84
CA ALA B 222 23.24 -11.91 3.10
C ALA B 222 23.05 -12.30 1.62
N GLU B 223 22.32 -13.39 1.38
CA GLU B 223 22.08 -13.86 0.04
C GLU B 223 21.13 -12.96 -0.71
N MET B 224 20.20 -12.32 0.01
CA MET B 224 19.23 -11.38 -0.56
C MET B 224 19.86 -10.15 -1.18
N LYS B 225 19.15 -9.57 -2.16
CA LYS B 225 19.54 -8.29 -2.74
C LYS B 225 19.48 -7.24 -1.65
N ASN B 226 20.45 -6.33 -1.69
CA ASN B 226 20.64 -5.35 -0.65
C ASN B 226 19.51 -4.34 -0.57
N ASP B 227 18.77 -4.17 -1.67
CA ASP B 227 17.60 -3.27 -1.70
C ASP B 227 16.27 -4.03 -1.69
N ALA B 228 16.29 -5.25 -1.17
CA ALA B 228 15.09 -6.06 -1.14
C ALA B 228 14.27 -5.78 0.09
N ILE B 229 13.01 -6.18 0.01
CA ILE B 229 11.95 -5.88 0.98
C ILE B 229 11.35 -7.24 1.39
N LEU B 230 11.55 -7.59 2.65
CA LEU B 230 11.01 -8.83 3.17
C LEU B 230 9.65 -8.55 3.81
N ILE B 231 8.73 -9.46 3.60
CA ILE B 231 7.44 -9.36 4.20
C ILE B 231 7.16 -10.69 4.86
N ASN B 232 6.70 -10.63 6.11
CA ASN B 232 6.28 -11.83 6.80
C ASN B 232 4.94 -11.58 7.41
N ALA B 233 3.93 -12.06 6.70
CA ALA B 233 2.59 -12.14 7.21
C ALA B 233 2.22 -13.61 7.38
N ALA B 234 3.18 -14.43 7.78
CA ALA B 234 2.95 -15.86 8.00
C ALA B 234 3.06 -16.29 9.47
N ARG B 235 4.30 -16.53 9.92
CA ARG B 235 4.55 -16.87 11.32
C ARG B 235 5.86 -16.25 11.72
N GLY B 236 5.83 -15.59 12.87
CA GLY B 236 6.95 -14.81 13.36
C GLY B 236 8.19 -15.68 13.48
N GLU B 237 7.98 -16.95 13.80
CA GLU B 237 9.10 -17.82 14.15
C GLU B 237 9.91 -18.26 12.94
N LEU B 238 9.35 -18.04 11.75
CA LEU B 238 10.06 -18.19 10.49
C LEU B 238 11.28 -17.28 10.33
N VAL B 239 11.29 -16.13 11.02
CA VAL B 239 12.40 -15.19 10.86
C VAL B 239 13.17 -15.02 12.17
N ASP B 240 14.49 -14.94 12.02
CA ASP B 240 15.39 -14.66 13.12
C ASP B 240 15.36 -13.16 13.34
N THR B 241 14.59 -12.70 14.30
CA THR B 241 14.41 -11.27 14.51
C THR B 241 15.73 -10.52 14.62
N ALA B 242 16.69 -11.06 15.36
CA ALA B 242 17.95 -10.33 15.57
C ALA B 242 18.70 -10.22 14.25
N ALA B 243 18.68 -11.29 13.47
CA ALA B 243 19.31 -11.33 12.13
C ALA B 243 18.66 -10.30 11.23
N LEU B 244 17.33 -10.23 11.30
CA LEU B 244 16.54 -9.17 10.66
C LEU B 244 17.00 -7.76 11.03
N ILE B 245 16.90 -7.42 12.30
CA ILE B 245 17.26 -6.11 12.80
C ILE B 245 18.65 -5.72 12.32
N GLU B 246 19.57 -6.66 12.37
CA GLU B 246 20.95 -6.43 11.96
C GLU B 246 21.05 -6.21 10.45
N ALA B 247 20.37 -7.06 9.69
CA ALA B 247 20.32 -6.91 8.25
C ALA B 247 19.75 -5.53 7.91
N LEU B 248 18.72 -5.12 8.66
CA LEU B 248 18.15 -3.79 8.48
C LEU B 248 19.21 -2.71 8.76
N GLU B 249 19.87 -2.78 9.91
CA GLU B 249 20.82 -1.73 10.33
C GLU B 249 22.06 -1.61 9.43
N LYS B 250 22.55 -2.75 8.94
CA LYS B 250 23.70 -2.78 8.01
C LYS B 250 23.29 -2.57 6.55
N HIS B 251 22.01 -2.37 6.29
CA HIS B 251 21.53 -2.07 4.95
C HIS B 251 21.70 -3.27 3.98
N GLU B 252 21.78 -4.49 4.54
CA GLU B 252 21.87 -5.69 3.70
C GLU B 252 20.52 -6.03 3.07
N ILE B 253 19.43 -5.54 3.66
CA ILE B 253 18.16 -5.42 2.95
C ILE B 253 17.59 -4.00 3.19
N ALA B 254 16.49 -3.63 2.52
CA ALA B 254 16.01 -2.24 2.50
C ALA B 254 14.80 -1.91 3.37
N ALA B 255 14.05 -2.93 3.79
CA ALA B 255 12.79 -2.69 4.47
C ALA B 255 12.13 -3.97 4.87
N ALA B 256 11.17 -3.87 5.80
CA ALA B 256 10.39 -5.05 6.19
C ALA B 256 9.00 -4.75 6.74
N GLY B 257 8.07 -5.60 6.31
CA GLY B 257 6.70 -5.60 6.75
C GLY B 257 6.40 -6.88 7.52
N LEU B 258 6.05 -6.73 8.78
CA LEU B 258 5.93 -7.84 9.67
C LEU B 258 4.60 -7.73 10.35
N ASP B 259 3.76 -8.74 10.18
CA ASP B 259 2.53 -8.84 10.91
C ASP B 259 2.69 -9.87 12.00
N THR B 260 3.89 -10.43 12.13
CA THR B 260 4.16 -11.47 13.12
C THR B 260 5.56 -11.30 13.58
N LEU B 261 5.85 -11.76 14.78
CA LEU B 261 7.18 -11.64 15.34
C LEU B 261 7.33 -12.80 16.28
N ALA B 262 8.57 -13.27 16.42
CA ALA B 262 8.85 -14.25 17.44
C ALA B 262 8.53 -13.68 18.84
N HIS B 263 8.05 -14.55 19.75
CA HIS B 263 7.69 -14.15 21.11
C HIS B 263 6.68 -13.02 21.11
N GLU B 264 5.71 -13.06 20.20
CA GLU B 264 4.70 -11.99 20.11
C GLU B 264 3.58 -12.12 21.15
N SER B 265 3.29 -13.35 21.54
CA SER B 265 2.15 -13.70 22.34
C SER B 265 2.23 -13.01 23.68
N SER B 266 3.44 -12.66 24.05
CA SER B 266 3.65 -11.88 25.25
C SER B 266 3.00 -10.51 25.17
N TYR B 267 3.03 -9.84 24.02
CA TYR B 267 2.36 -8.55 23.90
C TYR B 267 1.27 -8.36 22.86
N PHE B 268 1.14 -9.26 21.90
CA PHE B 268 0.14 -9.08 20.85
C PHE B 268 -1.28 -9.28 21.36
N PHE B 269 -2.20 -8.46 20.88
CA PHE B 269 -3.59 -8.58 21.28
C PHE B 269 -3.84 -8.12 22.71
N LYS B 270 -2.94 -7.29 23.21
CA LYS B 270 -2.94 -6.94 24.61
C LYS B 270 -2.77 -5.46 24.76
N LYS B 271 -3.15 -4.95 25.92
CA LYS B 271 -2.79 -3.61 26.33
C LYS B 271 -1.66 -3.80 27.32
N VAL B 272 -0.64 -2.95 27.25
CA VAL B 272 0.60 -3.15 27.98
C VAL B 272 1.30 -1.81 28.28
N ASP B 273 2.27 -1.83 29.20
CA ASP B 273 3.10 -0.66 29.52
C ASP B 273 4.44 -0.76 28.84
N ASP B 274 5.08 0.38 28.72
CA ASP B 274 6.39 0.44 28.10
C ASP B 274 7.28 -0.72 28.54
N ALA B 275 7.35 -0.93 29.85
CA ALA B 275 8.23 -1.96 30.41
C ALA B 275 7.82 -3.35 29.99
N GLN B 276 6.59 -3.51 29.48
CA GLN B 276 6.08 -4.80 28.99
C GLN B 276 6.33 -5.13 27.50
N ILE B 277 6.80 -4.17 26.71
CA ILE B 277 7.01 -4.42 25.29
C ILE B 277 8.48 -4.80 25.10
N PRO B 278 8.77 -5.91 24.39
CA PRO B 278 10.18 -6.27 24.22
C PRO B 278 10.99 -5.26 23.41
N ALA B 279 12.31 -5.35 23.53
CA ALA B 279 13.24 -4.42 22.89
C ALA B 279 13.41 -4.62 21.37
N ASP B 280 13.22 -5.85 20.87
CA ASP B 280 13.38 -6.08 19.43
C ASP B 280 12.26 -5.34 18.68
N TYR B 281 11.01 -5.50 19.16
CA TYR B 281 9.89 -4.70 18.64
C TYR B 281 10.14 -3.19 18.64
N LYS B 282 10.59 -2.68 19.79
CA LYS B 282 10.91 -1.25 19.92
C LYS B 282 11.96 -0.81 18.90
N LYS B 283 12.95 -1.66 18.64
CA LYS B 283 13.94 -1.33 17.64
C LYS B 283 13.27 -1.22 16.28
N LEU B 284 12.50 -2.25 15.90
CA LEU B 284 11.88 -2.32 14.58
C LEU B 284 10.86 -1.20 14.43
N ALA B 285 10.20 -0.89 15.53
CA ALA B 285 9.20 0.17 15.53
C ALA B 285 9.83 1.54 15.25
N ALA B 286 11.10 1.71 15.61
CA ALA B 286 11.71 3.03 15.47
C ALA B 286 12.30 3.22 14.08
N MET B 287 12.18 2.20 13.23
CA MET B 287 12.77 2.25 11.89
C MET B 287 11.76 2.71 10.81
N PRO B 288 12.00 3.85 10.14
CA PRO B 288 11.05 4.31 9.12
C PRO B 288 10.83 3.36 7.94
N ASN B 289 11.79 2.50 7.65
CA ASN B 289 11.63 1.45 6.64
C ASN B 289 11.13 0.10 7.19
N VAL B 290 10.32 0.15 8.25
CA VAL B 290 9.75 -1.06 8.80
C VAL B 290 8.32 -0.79 9.18
N ILE B 291 7.45 -1.74 8.83
CA ILE B 291 6.08 -1.76 9.31
C ILE B 291 5.93 -2.97 10.24
N VAL B 292 5.27 -2.79 11.38
CA VAL B 292 4.82 -3.91 12.18
C VAL B 292 3.38 -3.66 12.55
N THR B 293 2.53 -4.61 12.17
CA THR B 293 1.14 -4.59 12.53
C THR B 293 0.92 -5.71 13.54
N PRO B 294 -0.05 -5.56 14.43
CA PRO B 294 -0.17 -6.58 15.45
C PRO B 294 -0.99 -7.75 14.93
N HIS B 295 -0.36 -8.54 14.05
CA HIS B 295 -0.96 -9.79 13.55
C HIS B 295 -2.40 -9.58 13.10
N SER B 296 -2.64 -8.49 12.36
CA SER B 296 -3.99 -8.18 11.89
C SER B 296 -4.19 -8.20 10.37
N ALA B 297 -3.36 -8.97 9.66
CA ALA B 297 -3.65 -9.24 8.24
C ALA B 297 -5.06 -9.78 8.09
N TYR B 298 -5.48 -10.64 9.02
CA TYR B 298 -6.77 -11.31 8.94
C TYR B 298 -7.95 -10.34 9.07
N PHE B 299 -7.71 -9.19 9.68
CA PHE B 299 -8.78 -8.39 10.30
C PHE B 299 -9.60 -7.56 9.31
N THR B 300 -10.52 -8.25 8.62
CA THR B 300 -11.51 -7.63 7.78
C THR B 300 -12.88 -8.17 8.15
N LYS B 301 -13.92 -7.48 7.65
CA LYS B 301 -15.32 -7.84 7.87
C LYS B 301 -15.61 -9.28 7.42
N THR B 302 -15.11 -9.61 6.24
CA THR B 302 -15.27 -10.94 5.70
C THR B 302 -14.63 -12.04 6.57
N SER B 303 -13.42 -11.79 7.09
CA SER B 303 -12.75 -12.80 7.92
C SER B 303 -13.64 -13.06 9.11
N VAL B 304 -13.97 -11.97 9.78
CA VAL B 304 -14.78 -12.00 10.99
C VAL B 304 -16.12 -12.67 10.74
N ARG B 305 -16.82 -12.26 9.68
CA ARG B 305 -18.08 -12.87 9.29
C ARG B 305 -17.95 -14.37 9.09
N ASN B 306 -16.92 -14.77 8.36
CA ASN B 306 -16.75 -16.15 7.97
C ASN B 306 -16.40 -16.98 9.17
N MET B 307 -15.54 -16.45 10.04
CA MET B 307 -15.19 -17.10 11.29
C MET B 307 -16.42 -17.48 12.08
N ILE B 308 -17.37 -16.56 12.21
CA ILE B 308 -18.66 -16.88 12.84
C ILE B 308 -19.47 -17.89 12.02
N GLU B 309 -19.66 -17.65 10.74
CA GLU B 309 -20.68 -18.38 9.99
C GLU B 309 -20.26 -19.78 9.63
N ILE B 310 -19.00 -19.94 9.28
CA ILE B 310 -18.48 -21.26 9.00
C ILE B 310 -18.51 -22.15 10.25
N SER B 311 -18.16 -21.59 11.39
CA SER B 311 -18.17 -22.35 12.62
C SER B 311 -19.58 -22.65 13.10
N LEU B 312 -20.50 -21.72 12.84
CA LEU B 312 -21.88 -21.92 13.23
C LEU B 312 -22.47 -23.00 12.32
N ARG B 313 -22.27 -22.85 11.02
CA ARG B 313 -22.81 -23.78 10.02
C ARG B 313 -22.52 -25.21 10.40
N ASP B 314 -21.23 -25.53 10.54
CA ASP B 314 -20.79 -26.87 10.95
C ASP B 314 -21.45 -27.25 12.26
N THR B 315 -21.41 -26.35 13.24
CA THR B 315 -21.85 -26.66 14.61
C THR B 315 -23.34 -27.01 14.65
N ILE B 316 -24.14 -26.35 13.81
CA ILE B 316 -25.58 -26.63 13.70
C ILE B 316 -25.81 -27.99 13.03
N ALA B 317 -25.11 -28.22 11.93
CA ALA B 317 -25.16 -29.51 11.26
C ALA B 317 -24.98 -30.65 12.28
N LEU B 318 -23.93 -30.54 13.11
CA LEU B 318 -23.64 -31.58 14.10
C LEU B 318 -24.60 -31.55 15.28
N ALA B 319 -25.40 -30.49 15.39
CA ALA B 319 -26.50 -30.46 16.35
C ALA B 319 -27.69 -31.24 15.82
N ASN B 320 -27.84 -31.23 14.50
CA ASN B 320 -28.86 -32.03 13.80
C ASN B 320 -28.42 -33.47 13.46
N GLY B 321 -27.16 -33.80 13.69
CA GLY B 321 -26.57 -35.06 13.25
C GLY B 321 -26.36 -35.09 11.75
N GLU B 322 -26.29 -33.90 11.13
CA GLU B 322 -26.03 -33.77 9.69
C GLU B 322 -24.50 -33.73 9.52
N ARG B 323 -23.98 -33.40 8.35
CA ARG B 323 -22.52 -33.46 8.11
C ARG B 323 -21.83 -32.09 8.02
N ALA B 324 -20.66 -31.98 8.66
CA ALA B 324 -19.92 -30.71 8.77
C ALA B 324 -18.61 -30.69 8.00
N HIS B 325 -18.41 -29.63 7.23
CA HIS B 325 -17.21 -29.49 6.41
C HIS B 325 -15.90 -29.77 7.19
N PHE B 326 -15.61 -28.99 8.22
CA PHE B 326 -14.24 -28.92 8.72
C PHE B 326 -14.01 -29.61 10.06
N VAL B 327 -14.21 -30.94 10.08
CA VAL B 327 -13.85 -31.77 11.24
C VAL B 327 -12.34 -31.85 11.43
N VAL B 328 -11.92 -32.13 12.67
CA VAL B 328 -10.54 -32.54 12.98
C VAL B 328 -10.57 -33.49 14.20
N SER B 329 -11.11 -34.69 14.02
CA SER B 329 -11.55 -35.53 15.15
C SER B 329 -11.33 -37.06 15.09
N ARG B 330 -10.82 -37.59 13.99
CA ARG B 330 -10.74 -39.04 13.80
C ARG B 330 -9.42 -39.49 13.15
PA NAD C . -4.53 14.65 -17.81
O1A NAD C . -4.18 16.09 -18.07
O2A NAD C . -3.94 13.57 -18.68
O5B NAD C . -6.13 14.51 -17.81
C5B NAD C . -6.87 14.79 -16.62
C4B NAD C . -8.35 14.46 -16.80
O4B NAD C . -9.15 15.30 -15.96
C3B NAD C . -8.78 14.73 -18.22
O3B NAD C . -9.16 13.52 -18.85
C2B NAD C . -10.02 15.58 -18.11
O2B NAD C . -11.02 14.91 -18.85
C1B NAD C . -10.37 15.57 -16.64
N9A NAD C . -11.07 16.83 -16.27
C8A NAD C . -10.98 17.99 -16.92
N7A NAD C . -11.77 18.94 -16.38
C5A NAD C . -12.41 18.38 -15.35
C6A NAD C . -13.40 18.82 -14.36
N6A NAD C . -13.87 20.09 -14.35
N1A NAD C . -13.82 17.93 -13.45
C2A NAD C . -13.39 16.68 -13.45
N3A NAD C . -12.49 16.21 -14.32
C4A NAD C . -11.97 16.99 -15.29
O3 NAD C . -4.21 14.38 -16.26
PN NAD C . -3.89 12.91 -15.70
O1N NAD C . -5.16 12.24 -15.28
O2N NAD C . -2.94 12.26 -16.68
O5D NAD C . -3.10 13.30 -14.36
C5D NAD C . -3.72 13.19 -13.09
C4D NAD C . -3.18 14.27 -12.17
O4D NAD C . -1.90 13.93 -11.64
C3D NAD C . -3.01 15.58 -12.92
O3D NAD C . -3.71 16.63 -12.26
C2D NAD C . -1.55 15.89 -12.84
O2D NAD C . -1.34 17.29 -12.67
C1D NAD C . -1.15 15.15 -11.58
N1N NAD C . 0.30 14.97 -11.39
C2N NAD C . 0.73 14.56 -10.19
C3N NAD C . 2.07 14.39 -9.93
C7N NAD C . 2.54 13.92 -8.59
O7N NAD C . 3.63 13.42 -8.50
N7N NAD C . 1.74 14.07 -7.54
C4N NAD C . 3.01 14.64 -10.92
C5N NAD C . 2.55 15.07 -12.14
C6N NAD C . 1.19 15.23 -12.35
PA NAD D . -1.63 -23.32 3.58
O1A NAD D . -1.35 -23.75 5.01
O2A NAD D . -3.00 -23.49 2.97
O5B NAD D . -0.56 -24.09 2.66
C5B NAD D . 0.82 -24.08 3.03
C4B NAD D . 1.65 -24.11 1.76
O4B NAD D . 3.02 -23.78 2.02
C3B NAD D . 1.65 -25.49 1.12
O3B NAD D . 0.56 -25.66 0.22
C2B NAD D . 2.98 -25.48 0.41
O2B NAD D . 2.72 -24.87 -0.85
C1B NAD D . 3.92 -24.56 1.20
N9A NAD D . 4.98 -25.27 2.00
C8A NAD D . 4.80 -26.37 2.78
N7A NAD D . 5.95 -26.78 3.37
C5A NAD D . 6.93 -25.94 3.00
C6A NAD D . 8.39 -25.81 3.28
N6A NAD D . 9.02 -26.68 4.09
N1A NAD D . 9.07 -24.79 2.71
C2A NAD D . 8.45 -23.91 1.89
N3A NAD D . 7.13 -23.98 1.60
C4A NAD D . 6.31 -24.94 2.10
O3 NAD D . -1.12 -21.80 3.42
PN NAD D . -2.10 -20.52 3.30
O1N NAD D . -1.84 -19.91 1.94
O2N NAD D . -3.52 -20.86 3.69
O5D NAD D . -1.44 -19.54 4.40
C5D NAD D . -0.06 -19.13 4.35
C4D NAD D . 0.55 -19.08 5.75
O4D NAD D . 0.26 -17.85 6.43
C3D NAD D . 0.08 -20.21 6.68
O3D NAD D . 0.92 -21.36 6.56
C2D NAD D . 0.11 -19.60 8.06
O2D NAD D . 1.33 -19.92 8.73
C1D NAD D . 0.05 -18.08 7.84
N1N NAD D . -1.18 -17.39 8.33
C2N NAD D . -1.07 -16.10 8.71
C3N NAD D . -2.15 -15.35 9.19
C7N NAD D . -2.03 -13.89 9.60
O7N NAD D . -3.04 -13.20 9.70
N7N NAD D . -0.84 -13.31 9.82
C4N NAD D . -3.40 -15.99 9.24
C5N NAD D . -3.51 -17.31 8.84
C6N NAD D . -2.39 -18.00 8.38
#